data_9B5W
#
_entry.id   9B5W
#
_cell.length_a   1.00
_cell.length_b   1.00
_cell.length_c   1.00
_cell.angle_alpha   90.00
_cell.angle_beta   90.00
_cell.angle_gamma   90.00
#
_symmetry.space_group_name_H-M   'P 1'
#
loop_
_entity.id
_entity.type
_entity.pdbx_description
1 polymer 'Ubiquitin-activating enzyme E1 1'
2 polymer 'Ubiquitin-conjugating enzyme E2 4'
3 polymer Ubiquitin
4 non-polymer 'MAGNESIUM ION'
5 non-polymer "ADENOSINE-5'-TRIPHOSPHATE"
6 non-polymer 4-aminobutanenitrile
#
loop_
_entity_poly.entity_id
_entity_poly.type
_entity_poly.pdbx_seq_one_letter_code
_entity_poly.pdbx_strand_id
1 'polypeptide(L)'
;SNTIDEGLYSRQLYVLGHEAMKQMSQSNVLIIGCKGLGVEIAKNVCLAGVKSVTLYDPQPTRIEDLSSQYFLTEDDIGVP
RAKVTVSKLAELNQYVPVSVVDELSTEYLKNFKCVVVTETSLTKQLEINDFTHKNHIAYIAADSRGLFGSIFCDFGENFI
CTDTDGNEPLTGMIASITDDGVVTMLEETRHGLENGDFVKFTEVKGMPGLNDGTPRKVEVKGPYTFSIGSVKDLGSAGYN
GVFTQVKVPTKISFKSLRESLKDPEYVYPDFGKMMRPPQYHIAFQALSAFADAHEGSLPRPRNDIDAAEFFEFCKKIAST
LQFDVELDEKLIKEISYQARGDLVAMSAFLGGAVAQEVLKATTSKFYPLKQYFYFDSLESLPSSVTISEETCKPRGCRYD
GQIAVFGSEFQEKIASLSTFLVGAGAIGCEMLKNWAMMGVATGESGHISVTDMDSIEKSNLNRQFLFRPRDVGKLKSECA
STAVSIMNPSLTGKITSYQERVGPESEGIFGDEFFEKLSLVTNALDNVEARMYVDRRCVFFEKPLLESGTLGTKGNTQVV
VPHLTESYGSSQDPPEKSFPICTLKNFPNRIEHTIAWARDLFEGLFKQPIDNVNMYLSSPNFLETSLKTSSNPREVLENI
RDYLVTEKPLSFEECIMWARLQFDKFFNNNIQQLLFNFPKDSVTSTGQPFWSGPKRAPTPLSFDIHNREHFDFIVAAASL
YAFNYGLKSETDPAIYERVLAGYNPPPFAPKSGIKIQVNENEEAPETAANKDKQELKSIADSLPPPSSLVGFRLTPAEFE
KDDDSNHHIDFITAASNLRAMNYDITPADRFKTKFVAGKIVPAMCTSTAVVSGLVCLELVKLVDGKKKIEEYKNGFFNLA
IGLFTFSDPIASPKMKVNGKEIDKIWDRYNLPDCTLQELIDYFQKEEGLEVTMLSSGVSLLYANFQPPKKLAERLPLKIS
ELVEQITKKKLEPFRKHLVLEICCDDANGEDVEVPFICIKL
;
A
2 'polypeptide(L)'
;MALKRINRELADLGKDPPSSSSAGPVGDDLFHWQATIMGPADSPYAGGVFFLSIHFPTDYPFKPPKVNFTTRIYHPNINS
NGSICLDILRDQWSPALTISKVLLSISSLLTDPNPDDPLVPEIAHVYKTDRSRYELSAREWTRKYAIGGLVPR
;
C
3 'polypeptide(L)' GSGGMQIFVKTLTGKTITLEVESSDTIDNVKSKIQDKEGIPPDQQRLIFAGKQLEDGRTLSDYNIQKESTLHLVLRLRG D
#
loop_
_chem_comp.id
_chem_comp.type
_chem_comp.name
_chem_comp.formula
A1AIV non-polymer 4-aminobutanenitrile 'C4 H8 N2'
ATP non-polymer ADENOSINE-5'-TRIPHOSPHATE 'C10 H16 N5 O13 P3'
MG non-polymer 'MAGNESIUM ION' 'Mg 2'
#
# COMPACT_ATOMS: atom_id res chain seq x y z
N THR A 3 18.99 -10.29 20.50
CA THR A 3 17.92 -10.42 21.48
C THR A 3 16.91 -9.30 21.34
N ILE A 4 16.66 -8.89 20.09
CA ILE A 4 15.70 -7.82 19.83
C ILE A 4 14.30 -8.34 20.09
N ASP A 5 13.53 -7.59 20.88
CA ASP A 5 12.17 -8.03 21.17
C ASP A 5 11.27 -7.83 19.97
N GLU A 6 11.25 -8.82 19.07
CA GLU A 6 10.47 -8.70 17.85
C GLU A 6 8.98 -8.66 18.13
N GLY A 7 8.56 -9.03 19.33
CA GLY A 7 7.15 -8.91 19.69
C GLY A 7 6.72 -7.50 19.99
N LEU A 8 7.66 -6.58 20.07
CA LEU A 8 7.39 -5.18 20.34
C LEU A 8 7.79 -4.28 19.18
N TYR A 9 8.95 -4.54 18.56
CA TYR A 9 9.43 -3.77 17.44
C TYR A 9 9.08 -4.43 16.11
N SER A 10 7.93 -5.10 16.04
CA SER A 10 7.60 -5.85 14.84
C SER A 10 7.46 -4.94 13.64
N ARG A 11 6.78 -3.82 13.80
CA ARG A 11 6.56 -2.94 12.65
C ARG A 11 7.80 -2.14 12.29
N GLN A 12 8.63 -1.82 13.27
CA GLN A 12 9.82 -1.00 13.00
C GLN A 12 10.92 -1.79 12.30
N LEU A 13 11.07 -3.06 12.65
CA LEU A 13 12.14 -3.86 12.06
C LEU A 13 11.97 -4.05 10.56
N TYR A 14 10.75 -3.92 10.04
CA TYR A 14 10.56 -3.99 8.60
C TYR A 14 11.04 -2.74 7.91
N VAL A 15 11.26 -1.66 8.65
CA VAL A 15 11.82 -0.44 8.11
C VAL A 15 13.33 -0.40 8.31
N LEU A 16 13.79 -0.65 9.54
CA LEU A 16 15.21 -0.56 9.83
C LEU A 16 15.95 -1.87 9.58
N GLY A 17 15.55 -2.93 10.27
CA GLY A 17 16.23 -4.20 10.19
C GLY A 17 16.88 -4.59 11.50
N HIS A 18 17.37 -5.82 11.54
CA HIS A 18 17.96 -6.35 12.77
C HIS A 18 19.29 -5.69 13.09
N GLU A 19 20.15 -5.54 12.08
CA GLU A 19 21.45 -4.94 12.33
C GLU A 19 21.32 -3.49 12.78
N ALA A 20 20.40 -2.75 12.18
CA ALA A 20 20.23 -1.35 12.56
C ALA A 20 19.86 -1.23 14.03
N MET A 21 18.92 -2.04 14.49
CA MET A 21 18.52 -1.97 15.89
C MET A 21 19.59 -2.53 16.82
N LYS A 22 20.33 -3.54 16.37
CA LYS A 22 21.42 -4.04 17.19
C LYS A 22 22.48 -2.98 17.42
N GLN A 23 22.80 -2.21 16.38
CA GLN A 23 23.77 -1.13 16.55
C GLN A 23 23.15 0.05 17.29
N MET A 24 21.85 0.22 17.18
CA MET A 24 21.16 1.33 17.83
C MET A 24 21.03 1.12 19.33
N SER A 25 20.98 -0.13 19.77
CA SER A 25 20.86 -0.41 21.19
C SER A 25 22.16 -0.21 21.95
N GLN A 26 23.15 0.43 21.31
CA GLN A 26 24.42 0.71 21.97
C GLN A 26 24.80 2.19 21.85
N SER A 27 23.86 3.06 21.52
CA SER A 27 24.15 4.47 21.28
C SER A 27 23.43 5.34 22.30
N ASN A 28 24.15 6.31 22.84
CA ASN A 28 23.62 7.25 23.82
C ASN A 28 23.25 8.56 23.15
N VAL A 29 22.17 9.18 23.63
CA VAL A 29 21.66 10.42 23.09
C VAL A 29 21.53 11.44 24.21
N LEU A 30 22.10 12.63 23.98
CA LEU A 30 21.94 13.76 24.89
C LEU A 30 21.01 14.78 24.25
N ILE A 31 20.12 15.34 25.05
CA ILE A 31 19.14 16.32 24.58
C ILE A 31 19.25 17.56 25.45
N ILE A 32 19.63 18.67 24.84
CA ILE A 32 19.73 19.95 25.54
C ILE A 32 18.50 20.76 25.18
N GLY A 33 17.72 21.13 26.19
CA GLY A 33 16.48 21.83 25.97
C GLY A 33 15.29 20.91 26.01
N CYS A 34 14.36 21.14 26.92
CA CYS A 34 13.20 20.28 27.12
C CYS A 34 11.90 21.04 26.94
N LYS A 35 11.85 21.94 25.96
CA LYS A 35 10.58 22.55 25.58
C LYS A 35 9.83 21.58 24.68
N GLY A 36 8.78 22.06 24.00
CA GLY A 36 7.96 21.17 23.22
C GLY A 36 8.76 20.38 22.20
N LEU A 37 9.64 21.05 21.48
CA LEU A 37 10.45 20.36 20.49
C LEU A 37 11.36 19.33 21.15
N GLY A 38 12.00 19.71 22.25
CA GLY A 38 12.88 18.77 22.93
C GLY A 38 12.14 17.56 23.46
N VAL A 39 10.98 17.77 24.06
CA VAL A 39 10.25 16.65 24.62
C VAL A 39 9.71 15.75 23.52
N GLU A 40 9.29 16.33 22.39
CA GLU A 40 8.84 15.50 21.28
C GLU A 40 9.99 14.64 20.76
N ILE A 41 11.16 15.23 20.59
CA ILE A 41 12.30 14.46 20.13
C ILE A 41 12.62 13.36 21.11
N ALA A 42 12.57 13.67 22.41
CA ALA A 42 12.88 12.67 23.41
C ALA A 42 11.88 11.52 23.36
N LYS A 43 10.60 11.83 23.19
CA LYS A 43 9.60 10.79 23.10
C LYS A 43 9.85 9.88 21.90
N ASN A 44 10.10 10.49 20.74
CA ASN A 44 10.33 9.69 19.54
C ASN A 44 11.56 8.82 19.69
N VAL A 45 12.64 9.36 20.26
CA VAL A 45 13.85 8.58 20.42
C VAL A 45 13.63 7.45 21.41
N CYS A 46 12.93 7.73 22.51
CA CYS A 46 12.66 6.68 23.49
C CYS A 46 11.85 5.56 22.85
N LEU A 47 10.86 5.90 22.04
CA LEU A 47 10.12 4.86 21.35
C LEU A 47 11.01 4.14 20.35
N ALA A 48 12.02 4.82 19.80
CA ALA A 48 12.88 4.19 18.81
C ALA A 48 13.66 3.04 19.42
N GLY A 49 14.22 3.23 20.61
CA GLY A 49 14.90 2.14 21.29
C GLY A 49 16.39 2.34 21.45
N VAL A 50 16.83 3.59 21.63
CA VAL A 50 18.26 3.86 21.83
C VAL A 50 18.65 3.35 23.20
N LYS A 51 19.94 3.29 23.48
CA LYS A 51 20.41 2.73 24.75
C LYS A 51 19.87 3.52 25.93
N SER A 52 19.97 4.85 25.89
CA SER A 52 19.47 5.66 26.99
C SER A 52 19.30 7.09 26.49
N VAL A 53 18.55 7.88 27.27
CA VAL A 53 18.32 9.28 26.95
C VAL A 53 18.60 10.12 28.19
N THR A 54 19.35 11.19 28.00
CA THR A 54 19.68 12.14 29.05
C THR A 54 19.12 13.51 28.69
N LEU A 55 18.58 14.21 29.68
CA LEU A 55 17.97 15.50 29.48
C LEU A 55 18.72 16.59 30.23
N TYR A 56 18.69 17.80 29.68
CA TYR A 56 19.31 18.95 30.33
C TYR A 56 18.52 20.19 29.94
N ASP A 57 17.72 20.69 30.87
CA ASP A 57 16.99 21.93 30.71
C ASP A 57 16.62 22.43 32.10
N PRO A 58 17.52 23.16 32.77
CA PRO A 58 17.28 23.52 34.17
C PRO A 58 16.39 24.74 34.35
N GLN A 59 15.86 25.32 33.29
CA GLN A 59 15.06 26.51 33.46
C GLN A 59 13.74 26.17 34.16
N PRO A 60 13.24 27.06 35.02
CA PRO A 60 11.97 26.78 35.69
C PRO A 60 10.81 26.79 34.71
N THR A 61 9.82 25.97 35.00
CA THR A 61 8.64 25.89 34.14
C THR A 61 7.82 27.16 34.25
N ARG A 62 7.27 27.58 33.12
CA ARG A 62 6.35 28.71 33.05
C ARG A 62 5.04 28.24 32.44
N ILE A 63 4.02 29.08 32.56
CA ILE A 63 2.69 28.69 32.10
C ILE A 63 2.68 28.57 30.58
N GLU A 64 3.25 29.55 29.90
CA GLU A 64 3.23 29.55 28.43
C GLU A 64 3.92 28.32 27.86
N ASP A 65 4.85 27.72 28.59
CA ASP A 65 5.50 26.52 28.09
C ASP A 65 4.51 25.39 27.86
N LEU A 66 3.35 25.42 28.51
CA LEU A 66 2.35 24.40 28.28
C LEU A 66 1.63 24.57 26.95
N SER A 67 2.00 25.59 26.17
CA SER A 67 1.35 25.77 24.87
C SER A 67 1.71 24.64 23.92
N SER A 68 2.86 24.00 24.13
CA SER A 68 3.29 22.91 23.27
C SER A 68 3.85 21.73 24.06
N GLN A 69 3.79 21.77 25.38
CA GLN A 69 4.23 20.67 26.23
C GLN A 69 3.02 19.90 26.72
N TYR A 70 3.02 18.58 26.49
CA TYR A 70 1.91 17.74 26.89
C TYR A 70 2.23 16.90 28.12
N PHE A 71 3.45 17.00 28.66
CA PHE A 71 3.80 16.36 29.91
C PHE A 71 3.85 17.35 31.07
N LEU A 72 3.37 18.56 30.88
CA LEU A 72 3.34 19.57 31.92
C LEU A 72 1.90 19.94 32.28
N THR A 73 1.68 20.14 33.58
CA THR A 73 0.39 20.57 34.11
C THR A 73 0.60 21.89 34.85
N GLU A 74 -0.52 22.57 35.12
CA GLU A 74 -0.44 23.87 35.78
C GLU A 74 0.05 23.77 37.21
N ASP A 75 0.14 22.56 37.77
CA ASP A 75 0.71 22.35 39.09
C ASP A 75 2.23 22.30 39.05
N ASP A 76 2.84 22.36 37.87
CA ASP A 76 4.28 22.22 37.72
C ASP A 76 4.98 23.56 37.56
N ILE A 77 4.30 24.67 37.85
CA ILE A 77 4.91 25.98 37.71
C ILE A 77 5.99 26.15 38.77
N GLY A 78 7.20 26.49 38.34
CA GLY A 78 8.31 26.70 39.24
C GLY A 78 9.25 25.53 39.37
N VAL A 79 8.90 24.37 38.82
CA VAL A 79 9.73 23.18 38.91
C VAL A 79 10.54 23.04 37.63
N PRO A 80 11.81 22.60 37.70
CA PRO A 80 12.58 22.42 36.47
C PRO A 80 11.88 21.45 35.52
N ARG A 81 11.97 21.75 34.23
CA ARG A 81 11.23 20.98 33.23
C ARG A 81 11.73 19.55 33.15
N ALA A 82 13.04 19.35 33.22
CA ALA A 82 13.61 18.01 33.08
C ALA A 82 13.13 17.10 34.20
N LYS A 83 13.09 17.61 35.43
CA LYS A 83 12.70 16.78 36.57
C LYS A 83 11.25 16.32 36.44
N VAL A 84 10.37 17.21 36.01
CA VAL A 84 8.95 16.84 35.86
C VAL A 84 8.66 16.10 34.57
N THR A 85 9.61 16.05 33.64
CA THR A 85 9.41 15.33 32.39
C THR A 85 10.00 13.93 32.40
N VAL A 86 11.09 13.73 33.15
CA VAL A 86 11.73 12.41 33.18
C VAL A 86 10.80 11.36 33.78
N SER A 87 10.03 11.74 34.78
CA SER A 87 9.16 10.77 35.43
C SER A 87 8.14 10.20 34.46
N LYS A 88 7.56 11.05 33.61
CA LYS A 88 6.59 10.57 32.64
C LYS A 88 7.25 9.95 31.42
N LEU A 89 8.49 10.34 31.10
CA LEU A 89 9.17 9.71 29.98
C LEU A 89 9.66 8.32 30.30
N ALA A 90 9.94 8.04 31.58
CA ALA A 90 10.48 6.73 31.91
C ALA A 90 9.48 5.61 31.71
N GLU A 91 8.19 5.93 31.65
CA GLU A 91 7.16 4.91 31.52
C GLU A 91 6.82 4.57 30.07
N LEU A 92 7.36 5.30 29.10
CA LEU A 92 7.03 5.01 27.71
C LEU A 92 7.60 3.66 27.29
N ASN A 93 8.87 3.42 27.58
CA ASN A 93 9.55 2.19 27.24
C ASN A 93 10.32 1.69 28.45
N GLN A 94 10.23 0.38 28.70
CA GLN A 94 10.90 -0.22 29.84
C GLN A 94 12.35 -0.57 29.56
N TYR A 95 12.76 -0.57 28.30
CA TYR A 95 14.14 -0.90 27.94
C TYR A 95 15.03 0.34 27.83
N VAL A 96 14.47 1.53 28.01
CA VAL A 96 15.21 2.76 27.81
C VAL A 96 15.20 3.56 29.11
N PRO A 97 16.23 3.44 29.94
CA PRO A 97 16.33 4.29 31.12
C PRO A 97 16.48 5.74 30.70
N VAL A 98 15.90 6.65 31.49
CA VAL A 98 15.99 8.08 31.24
C VAL A 98 16.49 8.76 32.51
N SER A 99 17.48 9.63 32.36
CA SER A 99 18.10 10.29 33.50
C SER A 99 18.09 11.79 33.28
N VAL A 100 18.60 12.52 34.26
CA VAL A 100 18.67 13.97 34.21
C VAL A 100 20.01 14.41 34.78
N VAL A 101 20.63 15.40 34.15
CA VAL A 101 21.90 15.97 34.59
C VAL A 101 21.68 17.45 34.88
N ASP A 102 22.10 17.87 36.07
CA ASP A 102 21.87 19.26 36.48
C ASP A 102 22.77 20.22 35.72
N GLU A 103 24.06 19.89 35.58
CA GLU A 103 25.03 20.72 34.91
C GLU A 103 25.67 19.97 33.75
N LEU A 104 26.05 20.72 32.72
CA LEU A 104 26.66 20.17 31.52
C LEU A 104 28.11 20.62 31.42
N SER A 105 29.02 19.67 31.26
CA SER A 105 30.44 19.94 31.05
C SER A 105 30.86 19.42 29.67
N THR A 106 31.85 20.08 29.09
CA THR A 106 32.26 19.73 27.74
C THR A 106 32.71 18.28 27.66
N GLU A 107 33.59 17.86 28.58
CA GLU A 107 34.07 16.49 28.56
C GLU A 107 32.94 15.51 28.77
N TYR A 108 31.91 15.90 29.52
CA TYR A 108 30.77 15.01 29.71
C TYR A 108 30.17 14.62 28.38
N LEU A 109 30.30 15.48 27.38
CA LEU A 109 29.74 15.22 26.06
C LEU A 109 30.33 13.97 25.43
N LYS A 110 31.48 13.50 25.90
CA LYS A 110 32.06 12.29 25.35
C LYS A 110 31.27 11.05 25.73
N ASN A 111 30.31 11.17 26.65
CA ASN A 111 29.54 10.02 27.07
C ASN A 111 28.41 9.68 26.11
N PHE A 112 28.16 10.50 25.10
CA PHE A 112 27.00 10.33 24.24
C PHE A 112 27.43 10.10 22.80
N LYS A 113 26.57 9.40 22.05
CA LYS A 113 26.81 9.12 20.65
C LYS A 113 26.20 10.17 19.74
N CYS A 114 25.09 10.77 20.14
CA CYS A 114 24.46 11.85 19.39
C CYS A 114 24.03 12.94 20.36
N VAL A 115 24.11 14.18 19.90
CA VAL A 115 23.77 15.33 20.73
C VAL A 115 22.79 16.22 19.98
N VAL A 116 21.60 16.40 20.55
CA VAL A 116 20.56 17.26 19.99
C VAL A 116 20.50 18.51 20.84
N VAL A 117 20.49 19.67 20.18
CA VAL A 117 20.52 20.97 20.85
C VAL A 117 19.33 21.79 20.39
N THR A 118 18.53 22.25 21.34
CA THR A 118 17.42 23.12 21.03
C THR A 118 17.35 24.25 22.05
N GLU A 119 16.79 25.39 21.63
CA GLU A 119 16.56 26.52 22.52
C GLU A 119 17.83 26.94 23.24
N THR A 120 18.88 27.16 22.47
CA THR A 120 20.17 27.55 23.00
C THR A 120 20.73 28.70 22.19
N SER A 121 21.50 29.56 22.86
CA SER A 121 22.07 30.70 22.20
C SER A 121 23.15 30.26 21.20
N LEU A 122 23.42 31.13 20.24
CA LEU A 122 24.32 30.77 19.16
C LEU A 122 25.74 30.55 19.68
N THR A 123 26.16 31.36 20.66
CA THR A 123 27.50 31.22 21.20
C THR A 123 27.69 29.86 21.87
N LYS A 124 26.69 29.44 22.64
CA LYS A 124 26.76 28.13 23.27
C LYS A 124 26.75 27.03 22.23
N GLN A 125 25.97 27.20 21.17
CA GLN A 125 25.97 26.22 20.10
C GLN A 125 27.34 26.11 19.46
N LEU A 126 27.99 27.25 19.22
CA LEU A 126 29.33 27.23 18.66
C LEU A 126 30.31 26.55 19.60
N GLU A 127 30.21 26.84 20.89
CA GLU A 127 31.12 26.22 21.85
C GLU A 127 30.95 24.71 21.85
N ILE A 128 29.71 24.23 21.85
CA ILE A 128 29.48 22.79 21.84
C ILE A 128 29.98 22.16 20.55
N ASN A 129 29.72 22.82 19.42
CA ASN A 129 30.08 22.23 18.13
C ASN A 129 31.59 22.18 17.96
N ASP A 130 32.31 23.18 18.46
CA ASP A 130 33.76 23.17 18.35
C ASP A 130 34.38 21.97 19.03
N PHE A 131 33.70 21.37 20.00
CA PHE A 131 34.18 20.17 20.66
C PHE A 131 33.59 18.89 20.07
N THR A 132 32.32 18.93 19.68
CA THR A 132 31.65 17.75 19.14
C THR A 132 32.00 17.50 17.68
N HIS A 133 32.73 18.40 17.03
CA HIS A 133 33.16 18.16 15.67
C HIS A 133 34.49 17.40 15.61
N LYS A 134 35.46 17.82 16.41
CA LYS A 134 36.78 17.22 16.39
C LYS A 134 36.86 15.91 17.14
N ASN A 135 35.81 15.51 17.86
CA ASN A 135 35.79 14.23 18.54
C ASN A 135 34.84 13.24 17.88
N HIS A 136 34.35 13.55 16.68
CA HIS A 136 33.51 12.63 15.90
C HIS A 136 32.26 12.24 16.68
N ILE A 137 31.45 13.25 16.99
CA ILE A 137 30.17 13.07 17.64
C ILE A 137 29.11 13.74 16.78
N ALA A 138 28.02 13.02 16.51
CA ALA A 138 26.95 13.60 15.72
C ALA A 138 26.29 14.73 16.48
N TYR A 139 26.09 15.86 15.81
CA TYR A 139 25.54 17.07 16.41
C TYR A 139 24.38 17.54 15.55
N ILE A 140 23.20 17.60 16.14
CA ILE A 140 21.99 18.03 15.45
C ILE A 140 21.39 19.17 16.24
N ALA A 141 21.25 20.33 15.59
CA ALA A 141 20.70 21.52 16.22
C ALA A 141 19.36 21.84 15.57
N ALA A 142 18.33 21.99 16.38
CA ALA A 142 17.00 22.27 15.88
C ALA A 142 16.44 23.54 16.52
N ASP A 143 15.65 24.28 15.75
CA ASP A 143 15.03 25.50 16.25
C ASP A 143 13.68 25.69 15.60
N SER A 144 12.71 26.13 16.40
CA SER A 144 11.33 26.33 15.96
C SER A 144 10.86 27.69 16.45
N ARG A 145 10.66 28.63 15.53
CA ARG A 145 10.20 29.98 15.86
C ARG A 145 8.90 30.22 15.11
N GLY A 146 7.78 30.09 15.82
CA GLY A 146 6.50 30.36 15.19
C GLY A 146 6.24 29.37 14.08
N LEU A 147 6.13 29.88 12.86
CA LEU A 147 5.90 29.05 11.68
C LEU A 147 7.17 28.75 10.91
N PHE A 148 8.33 29.01 11.49
CA PHE A 148 9.60 28.77 10.84
C PHE A 148 10.38 27.72 11.62
N GLY A 149 11.17 26.95 10.90
CA GLY A 149 11.98 25.91 11.52
C GLY A 149 13.31 25.79 10.83
N SER A 150 14.32 25.46 11.62
CA SER A 150 15.68 25.29 11.12
C SER A 150 16.26 24.03 11.72
N ILE A 151 16.92 23.26 10.86
CA ILE A 151 17.60 22.04 11.28
C ILE A 151 19.01 22.07 10.70
N PHE A 152 19.99 21.73 11.53
CA PHE A 152 21.38 21.66 11.13
C PHE A 152 21.96 20.34 11.61
N CYS A 153 22.63 19.63 10.71
CA CYS A 153 23.19 18.32 10.99
C CYS A 153 24.69 18.33 10.74
N ASP A 154 25.44 17.68 11.61
CA ASP A 154 26.89 17.58 11.43
C ASP A 154 27.35 16.26 12.02
N PHE A 155 27.69 15.29 11.16
CA PHE A 155 28.06 13.96 11.60
C PHE A 155 29.56 13.72 11.48
N GLY A 156 30.36 14.77 11.38
CA GLY A 156 31.78 14.63 11.22
C GLY A 156 32.19 14.77 9.78
N GLU A 157 33.50 14.75 9.56
CA GLU A 157 34.05 14.91 8.22
C GLU A 157 34.24 13.58 7.50
N ASN A 158 33.96 12.45 8.16
CA ASN A 158 34.16 11.15 7.55
C ASN A 158 32.96 10.26 7.83
N PHE A 159 31.76 10.81 7.64
CA PHE A 159 30.55 10.02 7.83
C PHE A 159 30.47 8.95 6.75
N ILE A 160 30.01 7.77 7.14
CA ILE A 160 29.88 6.64 6.23
C ILE A 160 28.40 6.28 6.15
N CYS A 161 27.85 6.37 4.95
CA CYS A 161 26.44 6.08 4.70
C CYS A 161 26.38 4.75 3.95
N THR A 162 25.96 3.70 4.63
CA THR A 162 25.90 2.39 3.99
C THR A 162 24.77 2.33 2.97
N ASP A 163 23.58 2.76 3.34
CA ASP A 163 22.43 2.76 2.46
C ASP A 163 21.95 4.18 2.23
N THR A 164 21.87 4.58 0.96
CA THR A 164 21.57 5.95 0.61
C THR A 164 20.11 6.19 0.25
N ASP A 165 19.32 5.13 0.08
CA ASP A 165 17.91 5.31 -0.25
C ASP A 165 16.96 4.42 0.53
N GLY A 166 17.43 3.39 1.20
CA GLY A 166 16.57 2.53 1.97
C GLY A 166 15.80 1.50 1.17
N ASN A 167 16.00 1.46 -0.15
CA ASN A 167 15.27 0.53 -0.99
C ASN A 167 15.97 -0.83 -1.01
N GLU A 168 15.21 -1.85 -1.40
CA GLU A 168 15.78 -3.17 -1.58
C GLU A 168 16.63 -3.22 -2.85
N PRO A 169 17.69 -4.03 -2.87
CA PRO A 169 18.51 -4.13 -4.08
C PRO A 169 17.67 -4.59 -5.27
N LEU A 170 17.92 -3.98 -6.42
CA LEU A 170 17.21 -4.33 -7.63
C LEU A 170 17.76 -5.63 -8.22
N THR A 171 16.86 -6.55 -8.54
CA THR A 171 17.23 -7.81 -9.14
C THR A 171 16.32 -8.10 -10.32
N GLY A 172 16.84 -8.83 -11.30
CA GLY A 172 16.06 -9.12 -12.48
C GLY A 172 16.66 -10.24 -13.30
N MET A 173 15.91 -10.64 -14.32
CA MET A 173 16.29 -11.73 -15.21
C MET A 173 16.79 -11.17 -16.54
N ILE A 174 17.59 -11.97 -17.23
CA ILE A 174 18.29 -11.56 -18.43
C ILE A 174 17.79 -12.38 -19.62
N ALA A 175 17.55 -11.70 -20.73
CA ALA A 175 17.16 -12.39 -21.96
C ALA A 175 18.37 -12.79 -22.78
N SER A 176 19.25 -11.84 -23.09
CA SER A 176 20.44 -12.14 -23.87
C SER A 176 21.51 -11.10 -23.56
N ILE A 177 22.77 -11.55 -23.64
CA ILE A 177 23.94 -10.70 -23.41
C ILE A 177 24.84 -10.80 -24.62
N THR A 178 25.15 -9.66 -25.22
CA THR A 178 26.04 -9.68 -26.37
C THR A 178 27.50 -9.68 -25.90
N ASP A 179 28.41 -9.84 -26.86
CA ASP A 179 29.83 -9.84 -26.54
C ASP A 179 30.33 -8.44 -26.25
N ASP A 180 29.57 -7.42 -26.64
CA ASP A 180 29.91 -6.04 -26.40
C ASP A 180 29.39 -5.53 -25.07
N GLY A 181 28.98 -6.44 -24.18
CA GLY A 181 28.48 -6.02 -22.89
C GLY A 181 27.06 -5.52 -22.90
N VAL A 182 26.32 -5.72 -23.98
CA VAL A 182 24.94 -5.27 -24.04
C VAL A 182 24.09 -6.28 -23.28
N VAL A 183 23.60 -5.88 -22.12
CA VAL A 183 22.73 -6.72 -21.30
C VAL A 183 21.29 -6.31 -21.56
N THR A 184 20.45 -7.31 -21.82
CA THR A 184 19.06 -7.10 -22.17
C THR A 184 18.16 -7.77 -21.14
N MET A 185 17.14 -7.03 -20.73
CA MET A 185 16.17 -7.56 -19.78
C MET A 185 15.18 -8.45 -20.52
N LEU A 186 14.21 -8.98 -19.77
CA LEU A 186 13.17 -9.76 -20.41
C LEU A 186 12.16 -8.80 -21.06
N GLU A 187 11.10 -9.37 -21.61
CA GLU A 187 10.11 -8.56 -22.31
C GLU A 187 9.38 -7.65 -21.32
N GLU A 188 9.29 -6.36 -21.67
CA GLU A 188 8.54 -5.39 -20.89
C GLU A 188 8.94 -5.44 -19.42
N THR A 189 10.24 -5.49 -19.18
CA THR A 189 10.79 -5.52 -17.84
C THR A 189 11.76 -4.35 -17.69
N ARG A 190 11.50 -3.50 -16.71
CA ARG A 190 12.34 -2.33 -16.46
C ARG A 190 13.13 -2.52 -15.17
N HIS A 191 14.45 -2.44 -15.29
CA HIS A 191 15.32 -2.66 -14.14
C HIS A 191 15.24 -1.54 -13.14
N GLY A 192 15.13 -0.30 -13.60
CA GLY A 192 15.09 0.84 -12.71
C GLY A 192 16.45 1.31 -12.25
N LEU A 193 17.53 0.79 -12.83
CA LEU A 193 18.87 1.20 -12.46
C LEU A 193 19.17 2.60 -12.96
N GLU A 194 20.25 3.17 -12.44
CA GLU A 194 20.74 4.48 -12.85
C GLU A 194 22.22 4.37 -13.22
N ASN A 195 22.66 5.32 -14.04
CA ASN A 195 24.06 5.35 -14.45
C ASN A 195 24.97 5.43 -13.24
N GLY A 196 26.00 4.57 -13.22
CA GLY A 196 26.95 4.53 -12.14
C GLY A 196 26.72 3.42 -11.13
N ASP A 197 25.61 2.70 -11.23
CA ASP A 197 25.33 1.64 -10.27
C ASP A 197 26.21 0.43 -10.56
N PHE A 198 26.31 -0.45 -9.55
CA PHE A 198 27.08 -1.67 -9.66
C PHE A 198 26.17 -2.89 -9.52
N VAL A 199 26.34 -3.85 -10.43
CA VAL A 199 25.54 -5.07 -10.43
C VAL A 199 26.46 -6.26 -10.63
N LYS A 200 25.95 -7.43 -10.26
CA LYS A 200 26.64 -8.70 -10.46
C LYS A 200 25.67 -9.72 -11.04
N PHE A 201 26.19 -10.61 -11.88
CA PHE A 201 25.38 -11.58 -12.60
C PHE A 201 25.67 -12.98 -12.09
N THR A 202 24.62 -13.81 -12.08
CA THR A 202 24.76 -15.19 -11.68
C THR A 202 23.83 -16.07 -12.51
N GLU A 203 24.20 -17.34 -12.61
CA GLU A 203 23.42 -18.33 -13.34
C GLU A 203 23.23 -17.89 -14.80
N VAL A 204 24.28 -17.30 -15.35
CA VAL A 204 24.29 -16.88 -16.75
C VAL A 204 24.85 -18.03 -17.58
N LYS A 205 24.07 -18.47 -18.58
CA LYS A 205 24.48 -19.58 -19.44
C LYS A 205 25.19 -19.06 -20.68
N GLY A 206 26.39 -19.59 -20.92
CA GLY A 206 27.23 -19.21 -22.03
C GLY A 206 28.35 -18.25 -21.67
N MET A 207 28.24 -17.56 -20.54
CA MET A 207 29.29 -16.64 -20.07
C MET A 207 29.53 -16.89 -18.59
N PRO A 208 30.22 -17.97 -18.24
CA PRO A 208 30.49 -18.22 -16.82
C PRO A 208 31.34 -17.15 -16.16
N GLY A 209 32.15 -16.43 -16.93
CA GLY A 209 33.02 -15.44 -16.32
C GLY A 209 32.26 -14.36 -15.58
N LEU A 210 31.11 -13.95 -16.12
CA LEU A 210 30.30 -12.93 -15.46
C LEU A 210 29.67 -13.43 -14.17
N ASN A 211 29.73 -14.73 -13.90
CA ASN A 211 29.14 -15.29 -12.70
C ASN A 211 30.11 -15.30 -11.53
N ASP A 212 31.29 -14.70 -11.72
CA ASP A 212 32.28 -14.66 -10.65
C ASP A 212 31.76 -13.89 -9.44
N GLY A 213 31.06 -12.78 -9.68
CA GLY A 213 30.55 -11.97 -8.58
C GLY A 213 31.20 -10.61 -8.44
N THR A 214 32.14 -10.26 -9.31
CA THR A 214 32.78 -8.96 -9.22
C THR A 214 31.81 -7.87 -9.68
N PRO A 215 31.55 -6.85 -8.87
CA PRO A 215 30.61 -5.81 -9.30
C PRO A 215 31.15 -5.09 -10.52
N ARG A 216 30.23 -4.63 -11.37
CA ARG A 216 30.59 -3.95 -12.60
C ARG A 216 29.77 -2.69 -12.75
N LYS A 217 30.32 -1.73 -13.49
CA LYS A 217 29.63 -0.47 -13.70
C LYS A 217 28.39 -0.68 -14.56
N VAL A 218 27.47 0.27 -14.48
CA VAL A 218 26.22 0.22 -15.22
C VAL A 218 26.14 1.46 -16.10
N GLU A 219 25.92 1.25 -17.39
CA GLU A 219 25.69 2.31 -18.37
C GLU A 219 24.27 2.16 -18.91
N VAL A 220 23.38 3.06 -18.51
CA VAL A 220 21.99 2.96 -18.93
C VAL A 220 21.90 3.29 -20.41
N LYS A 221 21.38 2.35 -21.21
CA LYS A 221 21.17 2.57 -22.63
C LYS A 221 19.71 2.63 -23.02
N GLY A 222 18.80 2.23 -22.14
CA GLY A 222 17.39 2.27 -22.45
C GLY A 222 16.58 1.72 -21.31
N PRO A 223 15.26 1.82 -21.41
CA PRO A 223 14.40 1.32 -20.31
C PRO A 223 14.51 -0.17 -20.13
N TYR A 224 14.97 -0.90 -21.13
CA TYR A 224 15.03 -2.35 -21.05
C TYR A 224 16.44 -2.92 -21.16
N THR A 225 17.42 -2.13 -21.59
CA THR A 225 18.77 -2.64 -21.78
C THR A 225 19.78 -1.67 -21.19
N PHE A 226 20.95 -2.21 -20.86
CA PHE A 226 22.08 -1.38 -20.45
C PHE A 226 23.37 -2.06 -20.90
N SER A 227 24.49 -1.48 -20.53
CA SER A 227 25.79 -1.97 -20.96
C SER A 227 26.76 -2.00 -19.79
N ILE A 228 27.71 -2.93 -19.88
CA ILE A 228 28.74 -3.09 -18.85
C ILE A 228 30.14 -2.86 -19.38
N GLY A 229 30.31 -2.75 -20.70
CA GLY A 229 31.62 -2.54 -21.28
C GLY A 229 31.94 -3.54 -22.36
N SER A 230 33.04 -4.27 -22.19
CA SER A 230 33.49 -5.28 -23.14
C SER A 230 33.66 -6.60 -22.41
N VAL A 231 33.06 -7.65 -22.96
CA VAL A 231 33.13 -8.98 -22.37
C VAL A 231 33.74 -9.92 -23.38
N LYS A 232 34.65 -9.40 -24.19
CA LYS A 232 35.23 -10.21 -25.26
C LYS A 232 35.95 -11.43 -24.70
N ASP A 233 36.73 -11.24 -23.64
CA ASP A 233 37.51 -12.33 -23.09
C ASP A 233 36.63 -13.39 -22.44
N LEU A 234 35.56 -12.96 -21.77
CA LEU A 234 34.76 -13.89 -20.97
C LEU A 234 33.99 -14.87 -21.85
N GLY A 235 33.46 -14.40 -22.97
CA GLY A 235 32.70 -15.28 -23.83
C GLY A 235 32.17 -14.54 -25.03
N SER A 236 31.35 -15.23 -25.82
CA SER A 236 30.78 -14.68 -27.04
C SER A 236 29.35 -14.17 -26.85
N ALA A 237 28.44 -15.04 -26.42
CA ALA A 237 27.05 -14.68 -26.22
C ALA A 237 26.52 -15.40 -25.00
N GLY A 238 25.71 -14.71 -24.21
CA GLY A 238 25.14 -15.29 -23.00
C GLY A 238 23.62 -15.36 -23.08
N TYR A 239 23.07 -16.43 -22.51
CA TYR A 239 21.63 -16.69 -22.52
C TYR A 239 21.14 -16.83 -21.08
N ASN A 240 20.07 -16.11 -20.75
CA ASN A 240 19.45 -16.26 -19.45
C ASN A 240 20.41 -15.88 -18.34
N GLY A 241 19.91 -15.82 -17.11
CA GLY A 241 20.69 -15.39 -15.97
C GLY A 241 19.95 -14.35 -15.15
N VAL A 242 20.55 -14.02 -14.02
CA VAL A 242 19.96 -13.08 -13.09
C VAL A 242 21.01 -12.05 -12.70
N PHE A 243 20.64 -10.78 -12.76
CA PHE A 243 21.49 -9.69 -12.34
C PHE A 243 20.95 -9.12 -11.04
N THR A 244 21.85 -8.74 -10.14
CA THR A 244 21.49 -8.19 -8.84
C THR A 244 22.34 -6.98 -8.56
N GLN A 245 21.71 -5.89 -8.14
CA GLN A 245 22.44 -4.67 -7.84
C GLN A 245 23.19 -4.81 -6.53
N VAL A 246 24.39 -4.23 -6.48
CA VAL A 246 25.20 -4.20 -5.27
C VAL A 246 25.29 -2.77 -4.79
N LYS A 247 24.93 -2.54 -3.53
CA LYS A 247 24.94 -1.22 -2.92
C LYS A 247 26.22 -1.08 -2.10
N VAL A 248 27.03 -0.07 -2.41
CA VAL A 248 28.32 0.11 -1.75
C VAL A 248 28.22 1.28 -0.78
N PRO A 249 28.95 1.25 0.34
CA PRO A 249 28.92 2.40 1.25
C PRO A 249 29.54 3.61 0.58
N THR A 250 29.07 4.78 0.99
CA THR A 250 29.57 6.05 0.48
C THR A 250 30.13 6.87 1.64
N LYS A 251 31.07 7.75 1.33
CA LYS A 251 31.64 8.63 2.33
C LYS A 251 31.13 10.05 2.11
N ILE A 252 30.52 10.61 3.15
CA ILE A 252 29.99 11.97 3.13
C ILE A 252 30.74 12.77 4.18
N SER A 253 31.24 13.94 3.78
CA SER A 253 32.03 14.81 4.64
C SER A 253 31.28 16.11 4.91
N PHE A 254 31.09 16.41 6.19
CA PHE A 254 30.41 17.63 6.61
C PHE A 254 31.43 18.71 6.94
N LYS A 255 30.95 19.83 7.46
CA LYS A 255 31.79 20.94 7.90
C LYS A 255 31.29 21.42 9.25
N SER A 256 32.20 22.02 10.02
CA SER A 256 31.81 22.52 11.33
C SER A 256 30.85 23.69 11.18
N LEU A 257 30.18 24.00 12.29
CA LEU A 257 29.20 25.09 12.26
C LEU A 257 29.86 26.42 11.95
N ARG A 258 31.03 26.66 12.54
CA ARG A 258 31.70 27.95 12.34
C ARG A 258 32.06 28.16 10.87
N GLU A 259 32.54 27.13 10.19
CA GLU A 259 32.88 27.28 8.78
C GLU A 259 31.63 27.36 7.92
N SER A 260 30.57 26.66 8.28
CA SER A 260 29.38 26.63 7.46
C SER A 260 28.52 27.87 7.63
N LEU A 261 28.76 28.65 8.69
CA LEU A 261 28.03 29.91 8.81
C LEU A 261 28.37 30.84 7.66
N LYS A 262 29.64 30.89 7.28
CA LYS A 262 30.07 31.77 6.21
C LYS A 262 29.55 31.27 4.87
N ASP A 263 29.70 29.98 4.62
CA ASP A 263 29.38 29.35 3.33
C ASP A 263 28.50 28.16 3.61
N PRO A 264 27.19 28.37 3.76
CA PRO A 264 26.30 27.26 4.09
C PRO A 264 25.99 26.41 2.87
N GLU A 265 25.33 25.29 3.14
CA GLU A 265 24.87 24.38 2.09
C GLU A 265 23.40 24.08 2.35
N TYR A 266 22.53 24.75 1.60
CA TYR A 266 21.11 24.65 1.90
C TYR A 266 20.54 23.35 1.36
N VAL A 267 19.42 22.94 1.94
CA VAL A 267 18.58 21.89 1.39
C VAL A 267 17.24 22.53 1.11
N TYR A 268 16.80 22.47 -0.15
CA TYR A 268 15.62 23.18 -0.57
C TYR A 268 14.41 22.27 -0.42
N PRO A 269 13.46 22.55 0.48
CA PRO A 269 12.27 21.71 0.58
C PRO A 269 11.22 22.02 -0.45
N ASP A 270 11.37 23.09 -1.23
CA ASP A 270 10.39 23.41 -2.25
C ASP A 270 11.03 24.34 -3.27
N PHE A 271 10.80 24.05 -4.54
CA PHE A 271 11.41 24.81 -5.61
C PHE A 271 10.57 25.99 -6.06
N GLY A 272 9.34 26.13 -5.57
CA GLY A 272 8.57 27.30 -5.89
C GLY A 272 9.03 28.55 -5.15
N LYS A 273 9.70 28.38 -4.02
CA LYS A 273 10.24 29.48 -3.23
C LYS A 273 11.69 29.11 -2.90
N MET A 274 12.60 29.42 -3.82
CA MET A 274 14.01 29.08 -3.66
C MET A 274 14.84 30.22 -3.10
N MET A 275 14.29 31.42 -3.01
CA MET A 275 15.04 32.58 -2.55
C MET A 275 14.92 32.81 -1.05
N ARG A 276 14.16 31.99 -0.35
CA ARG A 276 13.90 32.21 1.06
C ARG A 276 15.02 31.69 1.95
N PRO A 277 15.56 30.51 1.70
CA PRO A 277 16.53 29.93 2.63
C PRO A 277 17.71 30.86 2.87
N PRO A 278 18.21 31.54 1.84
CA PRO A 278 19.25 32.54 2.11
C PRO A 278 18.78 33.64 3.03
N GLN A 279 17.52 34.02 2.96
CA GLN A 279 17.00 35.03 3.88
C GLN A 279 16.92 34.49 5.30
N TYR A 280 16.39 33.28 5.46
CA TYR A 280 16.25 32.70 6.78
C TYR A 280 17.60 32.48 7.44
N HIS A 281 18.62 32.16 6.64
CA HIS A 281 19.94 31.93 7.21
C HIS A 281 20.43 33.16 7.95
N ILE A 282 20.24 34.35 7.37
CA ILE A 282 20.58 35.58 8.05
C ILE A 282 19.60 35.84 9.20
N ALA A 283 18.32 35.54 8.97
CA ALA A 283 17.30 35.92 9.93
C ALA A 283 17.51 35.24 11.27
N PHE A 284 17.84 33.95 11.27
CA PHE A 284 17.98 33.23 12.53
C PHE A 284 19.21 33.69 13.30
N GLN A 285 20.31 33.96 12.60
CA GLN A 285 21.48 34.50 13.28
C GLN A 285 21.18 35.87 13.88
N ALA A 286 20.45 36.71 13.14
CA ALA A 286 20.06 38.01 13.68
C ALA A 286 19.14 37.86 14.87
N LEU A 287 18.25 36.85 14.83
CA LEU A 287 17.38 36.59 15.96
C LEU A 287 18.19 36.22 17.19
N SER A 288 19.18 35.35 17.02
CA SER A 288 20.04 34.98 18.14
C SER A 288 20.78 36.18 18.68
N ALA A 289 21.29 37.03 17.78
CA ALA A 289 21.99 38.24 18.21
C ALA A 289 21.07 39.17 19.00
N PHE A 290 19.84 39.35 18.52
CA PHE A 290 18.89 40.20 19.23
C PHE A 290 18.57 39.63 20.60
N ALA A 291 18.39 38.31 20.68
CA ALA A 291 18.15 37.69 21.99
C ALA A 291 19.33 37.91 22.92
N ASP A 292 20.55 37.78 22.39
CA ASP A 292 21.74 38.04 23.20
C ASP A 292 21.79 39.50 23.62
N ALA A 293 21.21 40.39 22.83
CA ALA A 293 21.25 41.81 23.10
C ALA A 293 20.11 42.26 24.00
N HIS A 294 19.24 41.35 24.41
CA HIS A 294 18.12 41.69 25.28
C HIS A 294 17.98 40.63 26.36
N GLU A 295 19.11 40.13 26.86
CA GLU A 295 19.12 39.16 27.94
C GLU A 295 18.24 37.96 27.60
N GLY A 296 18.35 37.49 26.36
CA GLY A 296 17.61 36.31 25.97
C GLY A 296 16.13 36.55 25.81
N SER A 297 15.72 37.79 25.56
CA SER A 297 14.32 38.14 25.39
C SER A 297 14.04 38.28 23.90
N LEU A 298 13.18 37.41 23.39
CA LEU A 298 12.83 37.48 21.99
C LEU A 298 11.90 38.66 21.74
N PRO A 299 11.81 39.11 20.49
CA PRO A 299 10.94 40.25 20.18
C PRO A 299 9.50 39.98 20.57
N ARG A 300 8.84 41.02 21.06
CA ARG A 300 7.45 40.88 21.47
C ARG A 300 6.57 40.67 20.25
N PRO A 301 5.43 39.99 20.41
CA PRO A 301 4.60 39.66 19.25
C PRO A 301 4.04 40.91 18.59
N ARG A 302 4.19 40.98 17.26
CA ARG A 302 3.59 42.05 16.47
C ARG A 302 4.01 43.42 16.99
N ASN A 303 5.28 43.56 17.31
CA ASN A 303 5.83 44.81 17.80
C ASN A 303 6.65 45.46 16.68
N ASP A 304 6.35 46.72 16.38
CA ASP A 304 6.97 47.38 15.24
C ASP A 304 8.40 47.77 15.56
N ILE A 305 8.64 48.26 16.78
CA ILE A 305 9.96 48.74 17.15
C ILE A 305 10.94 47.58 17.19
N ASP A 306 10.52 46.46 17.79
CA ASP A 306 11.39 45.29 17.83
C ASP A 306 11.66 44.80 16.42
N ALA A 307 10.66 44.88 15.54
CA ALA A 307 10.88 44.48 14.15
C ALA A 307 11.91 45.38 13.47
N ALA A 308 11.84 46.69 13.70
CA ALA A 308 12.83 47.58 13.12
C ALA A 308 14.23 47.29 13.65
N GLU A 309 14.35 47.07 14.95
CA GLU A 309 15.66 46.76 15.51
C GLU A 309 16.20 45.45 14.95
N PHE A 310 15.33 44.44 14.82
CA PHE A 310 15.74 43.18 14.25
C PHE A 310 16.17 43.33 12.80
N PHE A 311 15.47 44.16 12.04
CA PHE A 311 15.85 44.37 10.65
C PHE A 311 17.19 45.06 10.56
N GLU A 312 17.45 46.01 11.46
CA GLU A 312 18.76 46.63 11.50
C GLU A 312 19.84 45.61 11.79
N PHE A 313 19.58 44.70 12.73
CA PHE A 313 20.55 43.65 13.01
C PHE A 313 20.77 42.77 11.79
N CYS A 314 19.70 42.46 11.06
CA CYS A 314 19.83 41.68 9.85
C CYS A 314 20.70 42.38 8.83
N LYS A 315 20.48 43.67 8.63
CA LYS A 315 21.32 44.43 7.70
C LYS A 315 22.77 44.39 8.13
N LYS A 316 23.03 44.60 9.42
CA LYS A 316 24.41 44.59 9.89
C LYS A 316 25.07 43.25 9.63
N ILE A 317 24.36 42.16 9.93
CA ILE A 317 24.94 40.84 9.72
C ILE A 317 25.16 40.57 8.24
N ALA A 318 24.20 40.97 7.40
CA ALA A 318 24.35 40.74 5.97
C ALA A 318 25.56 41.48 5.43
N SER A 319 25.77 42.71 5.89
CA SER A 319 26.96 43.45 5.47
C SER A 319 28.21 42.77 6.00
N THR A 320 28.18 42.30 7.24
CA THR A 320 29.37 41.71 7.84
C THR A 320 29.80 40.44 7.12
N LEU A 321 28.84 39.59 6.75
CA LEU A 321 29.14 38.31 6.15
C LEU A 321 29.35 38.39 4.65
N GLN A 322 29.30 39.59 4.06
CA GLN A 322 29.47 39.77 2.62
C GLN A 322 28.46 38.94 1.84
N PHE A 323 27.23 38.89 2.34
CA PHE A 323 26.15 38.22 1.63
C PHE A 323 25.59 39.16 0.56
N ASP A 324 25.78 38.81 -0.70
CA ASP A 324 25.33 39.65 -1.80
C ASP A 324 23.87 39.38 -2.10
N VAL A 325 23.01 39.49 -1.08
CA VAL A 325 21.59 39.24 -1.22
C VAL A 325 20.84 40.42 -0.63
N GLU A 326 19.83 40.90 -1.36
CA GLU A 326 18.99 41.98 -0.87
C GLU A 326 17.95 41.42 0.09
N LEU A 327 17.93 41.93 1.32
CA LEU A 327 17.02 41.41 2.32
C LEU A 327 15.58 41.81 2.00
N ASP A 328 14.66 40.84 2.15
CA ASP A 328 13.24 41.10 1.97
C ASP A 328 12.65 41.59 3.28
N GLU A 329 12.28 42.87 3.31
CA GLU A 329 11.83 43.48 4.55
C GLU A 329 10.57 42.83 5.09
N LYS A 330 9.61 42.54 4.20
CA LYS A 330 8.33 42.02 4.67
C LYS A 330 8.52 40.66 5.35
N LEU A 331 9.28 39.77 4.71
CA LEU A 331 9.47 38.43 5.28
C LEU A 331 10.23 38.50 6.58
N ILE A 332 11.27 39.32 6.64
CA ILE A 332 12.08 39.44 7.85
C ILE A 332 11.25 40.00 9.00
N LYS A 333 10.46 41.03 8.73
CA LYS A 333 9.63 41.58 9.78
C LYS A 333 8.54 40.61 10.22
N GLU A 334 8.04 39.79 9.30
CA GLU A 334 7.09 38.76 9.71
C GLU A 334 7.76 37.76 10.63
N ILE A 335 8.99 37.37 10.32
CA ILE A 335 9.73 36.49 11.21
C ILE A 335 9.89 37.14 12.57
N SER A 336 10.17 38.44 12.58
CA SER A 336 10.33 39.14 13.85
C SER A 336 9.04 39.10 14.66
N TYR A 337 7.89 39.28 14.01
CA TYR A 337 6.63 39.33 14.74
C TYR A 337 6.36 38.00 15.44
N GLN A 338 6.62 36.88 14.76
CA GLN A 338 6.35 35.56 15.30
C GLN A 338 7.56 34.96 15.99
N ALA A 339 8.45 35.80 16.53
CA ALA A 339 9.66 35.26 17.13
C ALA A 339 9.37 34.51 18.41
N ARG A 340 8.34 34.92 19.15
CA ARG A 340 7.97 34.27 20.39
C ARG A 340 6.92 33.19 20.19
N GLY A 341 6.57 32.88 18.94
CA GLY A 341 5.55 31.88 18.71
C GLY A 341 6.06 30.48 19.03
N ASP A 342 5.13 29.63 19.45
CA ASP A 342 5.45 28.25 19.82
C ASP A 342 4.24 27.39 19.49
N LEU A 343 4.25 26.76 18.32
CA LEU A 343 3.13 25.95 17.85
C LEU A 343 3.44 24.47 18.09
N VAL A 344 2.38 23.72 18.35
CA VAL A 344 2.56 22.29 18.59
C VAL A 344 2.72 21.54 17.28
N ALA A 345 2.10 22.02 16.21
CA ALA A 345 2.23 21.33 14.93
C ALA A 345 3.65 21.42 14.39
N MET A 346 4.22 22.62 14.36
CA MET A 346 5.60 22.76 13.93
C MET A 346 6.54 22.02 14.85
N SER A 347 6.28 22.06 16.16
CA SER A 347 7.13 21.34 17.10
C SER A 347 7.11 19.85 16.81
N ALA A 348 5.92 19.28 16.56
CA ALA A 348 5.84 17.87 16.26
C ALA A 348 6.54 17.54 14.95
N PHE A 349 6.33 18.37 13.93
CA PHE A 349 6.96 18.12 12.64
C PHE A 349 8.47 18.09 12.77
N LEU A 350 9.04 19.14 13.38
CA LEU A 350 10.47 19.20 13.52
C LEU A 350 11.00 18.12 14.43
N GLY A 351 10.25 17.73 15.47
CA GLY A 351 10.69 16.67 16.33
C GLY A 351 10.79 15.34 15.60
N GLY A 352 9.78 15.04 14.78
CA GLY A 352 9.85 13.83 13.98
C GLY A 352 11.04 13.85 13.03
N ALA A 353 11.23 14.98 12.36
CA ALA A 353 12.36 15.07 11.42
C ALA A 353 13.68 14.85 12.14
N VAL A 354 13.86 15.52 13.27
CA VAL A 354 15.14 15.43 13.98
C VAL A 354 15.34 14.04 14.56
N ALA A 355 14.26 13.39 15.01
CA ALA A 355 14.40 12.02 15.49
C ALA A 355 14.86 11.10 14.38
N GLN A 356 14.30 11.29 13.19
CA GLN A 356 14.77 10.50 12.05
C GLN A 356 16.23 10.78 11.77
N GLU A 357 16.64 12.03 11.88
CA GLU A 357 18.05 12.35 11.67
C GLU A 357 18.93 11.67 12.70
N VAL A 358 18.47 11.63 13.96
CA VAL A 358 19.25 10.95 15.00
C VAL A 358 19.38 9.48 14.69
N LEU A 359 18.29 8.85 14.23
CA LEU A 359 18.38 7.44 13.87
C LEU A 359 19.36 7.24 12.72
N LYS A 360 19.34 8.15 11.75
CA LYS A 360 20.31 8.07 10.67
C LYS A 360 21.72 8.17 11.21
N ALA A 361 21.96 9.11 12.13
CA ALA A 361 23.30 9.30 12.66
C ALA A 361 23.77 8.08 13.43
N THR A 362 22.89 7.49 14.22
CA THR A 362 23.29 6.36 15.06
C THR A 362 23.48 5.08 14.23
N THR A 363 22.59 4.84 13.28
CA THR A 363 22.65 3.60 12.51
C THR A 363 23.50 3.73 11.26
N SER A 364 23.97 4.92 10.92
CA SER A 364 24.76 5.14 9.73
C SER A 364 24.03 4.61 8.49
N LYS A 365 22.76 4.94 8.40
CA LYS A 365 21.90 4.46 7.32
C LYS A 365 21.13 5.63 6.73
N PHE A 366 20.69 5.45 5.49
CA PHE A 366 19.92 6.48 4.79
C PHE A 366 20.77 7.72 4.56
N TYR A 367 20.36 8.54 3.60
CA TYR A 367 21.10 9.74 3.26
C TYR A 367 20.62 10.89 4.14
N PRO A 368 21.50 11.57 4.88
CA PRO A 368 21.05 12.62 5.79
C PRO A 368 20.96 13.98 5.10
N LEU A 369 20.46 14.95 5.86
CA LEU A 369 20.45 16.34 5.42
C LEU A 369 21.87 16.85 5.30
N LYS A 370 22.10 17.70 4.30
CA LYS A 370 23.44 18.23 4.03
C LYS A 370 23.28 19.66 3.52
N GLN A 371 23.33 20.63 4.42
CA GLN A 371 23.38 20.50 5.88
C GLN A 371 22.25 21.27 6.51
N TYR A 372 22.01 22.48 6.00
CA TYR A 372 20.96 23.33 6.54
C TYR A 372 19.62 22.96 5.94
N PHE A 373 18.57 23.10 6.76
CA PHE A 373 17.22 22.86 6.30
C PHE A 373 16.33 23.92 6.93
N TYR A 374 15.87 24.88 6.13
CA TYR A 374 15.00 25.94 6.58
C TYR A 374 13.62 25.71 5.99
N PHE A 375 12.62 25.69 6.85
CA PHE A 375 11.25 25.39 6.44
C PHE A 375 10.32 26.45 6.99
N ASP A 376 9.28 26.76 6.22
CA ASP A 376 8.28 27.71 6.68
C ASP A 376 6.92 27.31 6.13
N SER A 377 5.89 27.60 6.91
CA SER A 377 4.52 27.36 6.50
C SER A 377 3.76 28.66 6.64
N LEU A 378 4.34 29.74 6.13
CA LEU A 378 3.77 31.06 6.35
C LEU A 378 2.40 31.19 5.73
N GLU A 379 2.03 30.28 4.83
CA GLU A 379 0.70 30.29 4.24
C GLU A 379 -0.38 29.97 5.25
N SER A 380 -0.03 29.49 6.42
CA SER A 380 -1.01 29.13 7.43
C SER A 380 -1.45 30.32 8.27
N LEU A 381 -0.88 31.49 8.03
CA LEU A 381 -1.22 32.64 8.84
C LEU A 381 -2.68 33.03 8.57
N PRO A 382 -3.54 33.09 9.59
CA PRO A 382 -4.94 33.44 9.34
C PRO A 382 -5.09 34.82 8.73
N SER A 383 -6.10 34.94 7.86
CA SER A 383 -6.45 36.22 7.24
C SER A 383 -7.86 36.69 7.57
N SER A 384 -8.68 35.86 8.21
CA SER A 384 -10.04 36.24 8.55
C SER A 384 -10.16 36.83 9.95
N VAL A 385 -9.05 36.99 10.67
CA VAL A 385 -9.07 37.55 12.01
C VAL A 385 -8.08 38.70 12.07
N THR A 386 -8.29 39.57 13.04
CA THR A 386 -7.45 40.76 13.23
C THR A 386 -6.23 40.36 14.03
N ILE A 387 -5.07 40.37 13.39
CA ILE A 387 -3.80 40.05 14.02
C ILE A 387 -3.06 41.36 14.26
N SER A 388 -2.86 41.70 15.53
CA SER A 388 -2.19 42.93 15.90
C SER A 388 -1.46 42.71 17.21
N GLU A 389 -0.80 43.78 17.69
CA GLU A 389 -0.09 43.68 18.95
C GLU A 389 -1.05 43.48 20.11
N GLU A 390 -2.22 44.13 20.05
CA GLU A 390 -3.18 44.00 21.13
C GLU A 390 -3.77 42.61 21.19
N THR A 391 -4.10 42.04 20.03
CA THR A 391 -4.74 40.73 20.03
C THR A 391 -3.76 39.62 20.35
N CYS A 392 -2.50 39.78 19.99
CA CYS A 392 -1.51 38.73 20.17
C CYS A 392 -0.76 38.82 21.49
N LYS A 393 -1.07 39.78 22.34
CA LYS A 393 -0.39 39.86 23.61
C LYS A 393 -0.82 38.70 24.49
N PRO A 394 0.08 38.20 25.35
CA PRO A 394 -0.29 37.08 26.22
C PRO A 394 -1.34 37.48 27.25
N ARG A 395 -2.18 36.50 27.60
CA ARG A 395 -3.20 36.68 28.62
C ARG A 395 -2.87 35.92 29.90
N GLY A 396 -1.65 35.42 30.04
CA GLY A 396 -1.32 34.61 31.19
C GLY A 396 -2.06 33.29 31.24
N CYS A 397 -2.31 32.67 30.10
CA CYS A 397 -2.97 31.37 30.03
C CYS A 397 -2.07 30.39 29.29
N ARG A 398 -2.48 29.12 29.32
CA ARG A 398 -1.67 28.07 28.72
C ARG A 398 -1.65 28.11 27.20
N TYR A 399 -2.51 28.93 26.58
CA TYR A 399 -2.54 29.06 25.13
C TYR A 399 -1.77 30.27 24.63
N ASP A 400 -0.87 30.83 25.44
CA ASP A 400 -0.14 32.01 25.01
C ASP A 400 0.74 31.72 23.81
N GLY A 401 1.35 30.55 23.77
CA GLY A 401 2.23 30.22 22.65
C GLY A 401 1.54 30.20 21.31
N GLN A 402 0.22 30.00 21.29
CA GLN A 402 -0.54 30.02 20.04
C GLN A 402 -1.25 31.33 19.79
N ILE A 403 -1.73 32.00 20.84
CA ILE A 403 -2.31 33.32 20.69
C ILE A 403 -1.27 34.29 20.20
N ALA A 404 -0.02 34.11 20.61
CA ALA A 404 1.05 34.99 20.19
C ALA A 404 1.29 34.94 18.69
N VAL A 405 0.75 33.94 18.01
CA VAL A 405 0.85 33.84 16.56
C VAL A 405 -0.48 34.15 15.89
N PHE A 406 -1.58 33.63 16.43
CA PHE A 406 -2.88 33.73 15.78
C PHE A 406 -3.79 34.76 16.43
N GLY A 407 -3.61 35.04 17.71
CA GLY A 407 -4.45 35.98 18.42
C GLY A 407 -5.57 35.27 19.17
N SER A 408 -6.26 36.06 20.00
CA SER A 408 -7.28 35.49 20.87
C SER A 408 -8.55 35.14 20.11
N GLU A 409 -8.91 35.93 19.10
CA GLU A 409 -10.14 35.67 18.37
C GLU A 409 -10.06 34.35 17.61
N PHE A 410 -8.93 34.09 16.96
CA PHE A 410 -8.77 32.79 16.29
C PHE A 410 -8.72 31.66 17.30
N GLN A 411 -8.17 31.93 18.49
CA GLN A 411 -8.19 30.92 19.53
C GLN A 411 -9.62 30.58 19.92
N GLU A 412 -10.48 31.58 20.03
CA GLU A 412 -11.89 31.33 20.31
C GLU A 412 -12.54 30.56 19.17
N LYS A 413 -12.15 30.86 17.93
CA LYS A 413 -12.67 30.10 16.80
C LYS A 413 -12.30 28.63 16.92
N ILE A 414 -11.06 28.35 17.31
CA ILE A 414 -10.64 26.96 17.49
C ILE A 414 -11.40 26.30 18.61
N ALA A 415 -11.63 27.03 19.71
CA ALA A 415 -12.26 26.43 20.87
C ALA A 415 -13.68 25.97 20.61
N SER A 416 -14.30 26.40 19.51
CA SER A 416 -15.67 26.03 19.20
C SER A 416 -15.77 25.04 18.04
N LEU A 417 -14.68 24.35 17.72
CA LEU A 417 -14.72 23.38 16.63
C LEU A 417 -15.52 22.15 17.05
N SER A 418 -16.08 21.47 16.05
CA SER A 418 -16.81 20.22 16.24
C SER A 418 -16.25 19.23 15.21
N THR A 419 -15.22 18.50 15.61
CA THR A 419 -14.50 17.62 14.70
C THR A 419 -14.99 16.20 14.81
N PHE A 420 -14.55 15.37 13.86
CA PHE A 420 -14.85 13.95 13.85
C PHE A 420 -13.62 13.19 13.39
N LEU A 421 -13.00 12.45 14.30
CA LEU A 421 -11.78 11.70 14.01
C LEU A 421 -12.13 10.23 13.82
N VAL A 422 -11.75 9.68 12.67
CA VAL A 422 -12.03 8.28 12.35
C VAL A 422 -10.78 7.47 12.65
N GLY A 423 -10.91 6.50 13.53
CA GLY A 423 -9.77 5.68 13.91
C GLY A 423 -9.01 6.29 15.07
N ALA A 424 -8.33 5.42 15.81
CA ALA A 424 -7.54 5.85 16.97
C ALA A 424 -6.21 5.12 16.98
N GLY A 425 -5.61 4.95 15.81
CA GLY A 425 -4.32 4.31 15.70
C GLY A 425 -3.19 5.25 16.07
N ALA A 426 -2.05 5.08 15.42
CA ALA A 426 -0.94 5.98 15.67
C ALA A 426 -1.26 7.39 15.17
N ILE A 427 -1.76 7.48 13.94
CA ILE A 427 -2.11 8.78 13.40
C ILE A 427 -3.24 9.39 14.22
N GLY A 428 -4.18 8.56 14.65
CA GLY A 428 -5.25 9.06 15.51
C GLY A 428 -4.72 9.60 16.83
N CYS A 429 -3.79 8.88 17.44
CA CYS A 429 -3.22 9.35 18.70
C CYS A 429 -2.52 10.69 18.52
N GLU A 430 -1.71 10.82 17.46
CA GLU A 430 -1.02 12.08 17.24
C GLU A 430 -2.01 13.21 16.98
N MET A 431 -3.05 12.95 16.20
CA MET A 431 -4.03 13.99 15.95
C MET A 431 -4.72 14.42 17.23
N LEU A 432 -5.05 13.45 18.08
CA LEU A 432 -5.69 13.79 19.35
C LEU A 432 -4.75 14.60 20.22
N LYS A 433 -3.48 14.24 20.24
CA LYS A 433 -2.52 15.02 21.02
C LYS A 433 -2.45 16.45 20.53
N ASN A 434 -2.39 16.63 19.21
CA ASN A 434 -2.30 17.98 18.68
C ASN A 434 -3.55 18.79 19.00
N TRP A 435 -4.72 18.17 18.88
CA TRP A 435 -5.94 18.89 19.21
C TRP A 435 -6.00 19.25 20.69
N ALA A 436 -5.58 18.33 21.55
CA ALA A 436 -5.57 18.63 22.98
C ALA A 436 -4.63 19.78 23.30
N MET A 437 -3.45 19.80 22.68
CA MET A 437 -2.53 20.89 22.94
C MET A 437 -3.11 22.21 22.43
N MET A 438 -3.70 22.19 21.24
CA MET A 438 -4.24 23.42 20.67
C MET A 438 -5.49 23.91 21.39
N GLY A 439 -6.11 23.10 22.23
CA GLY A 439 -7.34 23.54 22.87
C GLY A 439 -8.55 23.41 21.97
N VAL A 440 -8.53 22.47 21.03
CA VAL A 440 -9.64 22.31 20.10
C VAL A 440 -10.89 21.87 20.86
N ALA A 441 -12.01 22.55 20.57
CA ALA A 441 -13.31 22.17 21.13
C ALA A 441 -13.31 22.26 22.65
N THR A 442 -12.59 23.25 23.17
CA THR A 442 -12.64 23.56 24.59
C THR A 442 -13.67 24.63 24.91
N GLY A 443 -14.37 25.16 23.91
CA GLY A 443 -15.39 26.15 24.13
C GLY A 443 -16.73 25.50 24.48
N GLU A 444 -17.75 26.35 24.55
CA GLU A 444 -19.07 25.86 24.94
C GLU A 444 -19.68 24.99 23.84
N SER A 445 -19.49 25.38 22.59
CA SER A 445 -20.09 24.67 21.46
C SER A 445 -19.16 23.65 20.84
N GLY A 446 -17.99 23.44 21.41
CA GLY A 446 -17.06 22.50 20.83
C GLY A 446 -17.43 21.07 21.15
N HIS A 447 -16.86 20.15 20.38
CA HIS A 447 -17.10 18.73 20.63
C HIS A 447 -16.15 17.91 19.79
N ILE A 448 -15.75 16.77 20.33
CA ILE A 448 -14.89 15.83 19.62
C ILE A 448 -15.51 14.44 19.69
N SER A 449 -15.48 13.72 18.58
CA SER A 449 -15.97 12.36 18.49
C SER A 449 -14.86 11.50 17.93
N VAL A 450 -14.59 10.38 18.58
CA VAL A 450 -13.57 9.44 18.12
C VAL A 450 -14.17 8.04 18.10
N THR A 451 -14.00 7.35 16.98
CA THR A 451 -14.60 6.04 16.78
C THR A 451 -13.56 5.07 16.25
N ASP A 452 -13.46 3.91 16.90
CA ASP A 452 -12.59 2.85 16.43
C ASP A 452 -12.93 1.55 17.16
N MET A 453 -13.06 0.46 16.42
CA MET A 453 -13.51 -0.79 17.01
C MET A 453 -12.38 -1.73 17.39
N ASP A 454 -11.14 -1.45 16.98
CA ASP A 454 -10.06 -2.38 17.27
C ASP A 454 -9.66 -2.28 18.74
N SER A 455 -8.90 -3.26 19.21
CA SER A 455 -8.39 -3.30 20.56
C SER A 455 -6.87 -3.19 20.54
N ILE A 456 -6.32 -2.66 21.63
CA ILE A 456 -4.88 -2.44 21.71
C ILE A 456 -4.15 -3.77 21.83
N GLU A 457 -3.11 -3.95 21.04
CA GLU A 457 -2.25 -5.11 21.10
C GLU A 457 -0.84 -4.68 21.50
N LYS A 458 0.01 -5.67 21.76
CA LYS A 458 1.37 -5.37 22.22
C LYS A 458 2.17 -4.63 21.15
N SER A 459 2.00 -5.01 19.89
CA SER A 459 2.80 -4.41 18.83
C SER A 459 2.37 -2.98 18.52
N ASN A 460 1.23 -2.53 19.04
CA ASN A 460 0.80 -1.16 18.84
C ASN A 460 1.49 -0.19 19.78
N LEU A 461 2.13 -0.68 20.84
CA LEU A 461 2.74 0.20 21.82
C LEU A 461 4.01 0.85 21.31
N ASN A 462 4.52 0.42 20.17
CA ASN A 462 5.79 0.97 19.68
C ASN A 462 5.61 2.39 19.17
N ARG A 463 4.48 2.67 18.53
CA ARG A 463 4.23 3.96 17.93
C ARG A 463 3.03 4.69 18.52
N GLN A 464 2.29 4.09 19.44
CA GLN A 464 1.12 4.73 20.05
C GLN A 464 1.47 5.03 21.51
N PHE A 465 1.91 6.26 21.76
CA PHE A 465 2.41 6.65 23.07
C PHE A 465 1.32 6.90 24.10
N LEU A 466 0.05 6.97 23.69
CA LEU A 466 -1.03 7.17 24.64
C LEU A 466 -1.43 5.90 25.37
N PHE A 467 -0.87 4.75 24.98
CA PHE A 467 -1.25 3.46 25.53
C PHE A 467 -0.09 2.85 26.30
N ARG A 468 -0.40 2.18 27.40
CA ARG A 468 0.60 1.58 28.25
C ARG A 468 0.41 0.06 28.28
N PRO A 469 1.45 -0.69 28.63
CA PRO A 469 1.33 -2.15 28.63
C PRO A 469 0.20 -2.67 29.50
N ARG A 470 -0.16 -1.94 30.55
CA ARG A 470 -1.28 -2.35 31.38
C ARG A 470 -2.62 -2.23 30.65
N ASP A 471 -2.64 -1.57 29.49
CA ASP A 471 -3.87 -1.34 28.74
C ASP A 471 -4.03 -2.30 27.58
N VAL A 472 -3.23 -3.37 27.52
CA VAL A 472 -3.32 -4.32 26.43
C VAL A 472 -4.61 -5.10 26.54
N GLY A 473 -5.37 -5.16 25.45
CA GLY A 473 -6.61 -5.88 25.39
C GLY A 473 -7.86 -5.04 25.51
N LYS A 474 -7.72 -3.75 25.75
CA LYS A 474 -8.86 -2.85 25.88
C LYS A 474 -9.10 -2.09 24.58
N LEU A 475 -10.23 -1.40 24.51
CA LEU A 475 -10.57 -0.62 23.34
C LEU A 475 -9.67 0.61 23.23
N LYS A 476 -9.38 0.99 21.99
CA LYS A 476 -8.48 2.11 21.77
C LYS A 476 -9.15 3.43 22.13
N SER A 477 -10.43 3.58 21.81
CA SER A 477 -11.08 4.87 21.98
C SER A 477 -11.15 5.27 23.45
N GLU A 478 -11.52 4.34 24.32
CA GLU A 478 -11.63 4.68 25.73
C GLU A 478 -10.27 5.10 26.30
N CYS A 479 -9.23 4.33 25.99
CA CYS A 479 -7.91 4.66 26.50
C CYS A 479 -7.44 6.01 25.99
N ALA A 480 -7.66 6.28 24.70
CA ALA A 480 -7.24 7.57 24.15
C ALA A 480 -8.01 8.72 24.80
N SER A 481 -9.31 8.55 24.98
CA SER A 481 -10.11 9.61 25.61
C SER A 481 -9.64 9.87 27.03
N THR A 482 -9.39 8.81 27.79
CA THR A 482 -8.90 8.99 29.15
C THR A 482 -7.55 9.69 29.16
N ALA A 483 -6.65 9.28 28.27
CA ALA A 483 -5.32 9.89 28.25
C ALA A 483 -5.39 11.37 27.92
N VAL A 484 -6.21 11.75 26.93
CA VAL A 484 -6.28 13.15 26.55
C VAL A 484 -7.06 13.96 27.55
N SER A 485 -7.95 13.34 28.33
CA SER A 485 -8.56 14.06 29.43
C SER A 485 -7.56 14.30 30.54
N ILE A 486 -6.65 13.36 30.77
CA ILE A 486 -5.60 13.58 31.75
C ILE A 486 -4.66 14.68 31.29
N MET A 487 -4.27 14.66 30.02
CA MET A 487 -3.36 15.68 29.50
C MET A 487 -3.98 17.07 29.62
N ASN A 488 -5.21 17.23 29.16
CA ASN A 488 -5.90 18.52 29.21
C ASN A 488 -7.20 18.37 29.98
N PRO A 489 -7.27 18.81 31.23
CA PRO A 489 -8.50 18.63 32.01
C PRO A 489 -9.69 19.35 31.40
N SER A 490 -9.46 20.37 30.57
CA SER A 490 -10.58 21.11 30.01
C SER A 490 -11.42 20.28 29.04
N LEU A 491 -10.91 19.14 28.58
CA LEU A 491 -11.65 18.27 27.67
C LEU A 491 -12.42 17.19 28.40
N THR A 492 -12.87 17.44 29.62
CA THR A 492 -13.67 16.49 30.36
C THR A 492 -15.14 16.68 30.01
N GLY A 493 -15.73 15.69 29.36
CA GLY A 493 -17.10 15.78 28.91
C GLY A 493 -17.29 16.32 27.51
N LYS A 494 -16.22 16.76 26.84
CA LYS A 494 -16.32 17.29 25.49
C LYS A 494 -15.93 16.27 24.43
N ILE A 495 -15.65 15.02 24.83
CA ILE A 495 -15.21 13.99 23.91
C ILE A 495 -16.11 12.78 24.07
N THR A 496 -16.59 12.24 22.96
CA THR A 496 -17.39 11.03 22.94
C THR A 496 -16.66 9.96 22.15
N SER A 497 -16.48 8.80 22.76
CA SER A 497 -15.74 7.70 22.17
C SER A 497 -16.69 6.55 21.87
N TYR A 498 -16.80 6.19 20.60
CA TYR A 498 -17.58 5.04 20.19
C TYR A 498 -16.66 3.86 19.91
N GLN A 499 -17.26 2.70 19.79
CA GLN A 499 -16.56 1.47 19.43
C GLN A 499 -17.16 0.82 18.20
N GLU A 500 -17.65 1.66 17.28
CA GLU A 500 -18.37 1.18 16.11
C GLU A 500 -17.49 1.31 14.87
N ARG A 501 -17.51 0.25 14.06
CA ARG A 501 -16.79 0.28 12.79
C ARG A 501 -17.52 1.22 11.83
N VAL A 502 -16.77 2.12 11.22
CA VAL A 502 -17.35 3.09 10.29
C VAL A 502 -17.62 2.38 8.98
N GLY A 503 -18.89 2.11 8.71
CA GLY A 503 -19.28 1.42 7.50
C GLY A 503 -20.77 1.54 7.25
N PRO A 504 -21.26 0.76 6.29
CA PRO A 504 -22.71 0.79 5.99
C PRO A 504 -23.58 0.36 7.15
N GLU A 505 -23.05 -0.42 8.09
CA GLU A 505 -23.86 -0.93 9.19
C GLU A 505 -23.89 0.00 10.39
N SER A 506 -23.10 1.06 10.39
CA SER A 506 -23.07 2.02 11.49
C SER A 506 -23.82 3.30 11.17
N GLU A 507 -24.57 3.31 10.07
CA GLU A 507 -25.29 4.52 9.66
C GLU A 507 -26.44 4.86 10.60
N GLY A 508 -26.83 3.94 11.48
CA GLY A 508 -27.86 4.25 12.45
C GLY A 508 -27.38 5.17 13.54
N ILE A 509 -26.08 5.25 13.76
CA ILE A 509 -25.48 6.11 14.76
C ILE A 509 -24.89 7.36 14.12
N PHE A 510 -24.13 7.18 13.04
CA PHE A 510 -23.55 8.30 12.31
C PHE A 510 -24.50 8.78 11.23
N GLY A 511 -25.68 9.21 11.67
CA GLY A 511 -26.74 9.60 10.77
C GLY A 511 -26.73 11.08 10.46
N ASP A 512 -27.90 11.56 10.01
CA ASP A 512 -28.00 12.96 9.61
C ASP A 512 -27.77 13.87 10.80
N GLU A 513 -28.34 13.54 11.96
CA GLU A 513 -28.17 14.38 13.12
C GLU A 513 -26.69 14.46 13.49
N PHE A 514 -26.00 13.32 13.42
CA PHE A 514 -24.58 13.30 13.79
C PHE A 514 -23.76 14.10 12.80
N PHE A 515 -24.02 13.94 11.50
CA PHE A 515 -23.20 14.57 10.49
C PHE A 515 -23.56 16.04 10.23
N GLU A 516 -24.71 16.49 10.72
CA GLU A 516 -25.11 17.88 10.50
C GLU A 516 -24.52 18.86 11.50
N LYS A 517 -23.83 18.38 12.54
CA LYS A 517 -23.24 19.26 13.53
C LYS A 517 -21.72 19.29 13.46
N LEU A 518 -21.11 18.51 12.59
CA LEU A 518 -19.67 18.48 12.50
C LEU A 518 -19.13 19.70 11.78
N SER A 519 -17.83 19.90 11.91
CA SER A 519 -17.11 20.93 11.17
C SER A 519 -16.07 20.36 10.23
N LEU A 520 -15.42 19.24 10.58
CA LEU A 520 -14.47 18.61 9.68
C LEU A 520 -14.27 17.17 10.11
N VAL A 521 -13.82 16.35 9.16
CA VAL A 521 -13.58 14.93 9.37
C VAL A 521 -12.11 14.64 9.08
N THR A 522 -11.45 13.94 9.99
CA THR A 522 -10.04 13.59 9.86
C THR A 522 -9.91 12.08 9.85
N ASN A 523 -9.29 11.54 8.81
CA ASN A 523 -9.15 10.09 8.66
C ASN A 523 -7.82 9.62 9.19
N ALA A 524 -7.86 8.52 9.94
CA ALA A 524 -6.68 7.84 10.46
C ALA A 524 -6.74 6.36 10.11
N LEU A 525 -7.27 6.03 8.94
CA LEU A 525 -7.51 4.65 8.58
C LEU A 525 -6.27 4.02 7.95
N ASP A 526 -6.38 2.72 7.65
CA ASP A 526 -5.28 1.97 7.05
C ASP A 526 -5.74 1.11 5.88
N ASN A 527 -6.99 1.26 5.44
CA ASN A 527 -7.51 0.51 4.30
C ASN A 527 -8.20 1.48 3.34
N VAL A 528 -8.23 1.11 2.07
CA VAL A 528 -8.75 2.04 1.07
C VAL A 528 -10.27 2.04 1.06
N GLU A 529 -10.91 0.91 1.35
CA GLU A 529 -12.36 0.84 1.29
C GLU A 529 -13.00 1.79 2.29
N ALA A 530 -12.52 1.78 3.53
CA ALA A 530 -13.07 2.67 4.54
C ALA A 530 -12.78 4.12 4.18
N ARG A 531 -11.61 4.39 3.60
CA ARG A 531 -11.32 5.73 3.14
C ARG A 531 -12.34 6.19 2.12
N MET A 532 -12.66 5.33 1.15
CA MET A 532 -13.64 5.69 0.13
C MET A 532 -15.01 5.90 0.76
N TYR A 533 -15.37 5.08 1.73
CA TYR A 533 -16.67 5.23 2.38
C TYR A 533 -16.77 6.58 3.08
N VAL A 534 -15.73 6.94 3.82
CA VAL A 534 -15.73 8.23 4.52
C VAL A 534 -15.73 9.36 3.50
N ASP A 535 -15.01 9.20 2.40
CA ASP A 535 -14.99 10.23 1.36
C ASP A 535 -16.37 10.44 0.77
N ARG A 536 -17.09 9.36 0.50
CA ARG A 536 -18.44 9.49 -0.02
C ARG A 536 -19.33 10.20 0.98
N ARG A 537 -19.22 9.85 2.25
CA ARG A 537 -20.04 10.51 3.26
C ARG A 537 -19.73 12.00 3.33
N CYS A 538 -18.45 12.35 3.31
CA CYS A 538 -18.07 13.77 3.36
C CYS A 538 -18.58 14.51 2.14
N VAL A 539 -18.48 13.89 0.96
CA VAL A 539 -18.98 14.52 -0.25
C VAL A 539 -20.48 14.74 -0.14
N PHE A 540 -21.19 13.74 0.37
CA PHE A 540 -22.63 13.89 0.51
C PHE A 540 -22.96 15.04 1.45
N PHE A 541 -22.27 15.13 2.57
CA PHE A 541 -22.56 16.17 3.53
C PHE A 541 -21.75 17.44 3.29
N GLU A 542 -20.81 17.42 2.36
CA GLU A 542 -20.01 18.59 2.03
C GLU A 542 -19.29 19.08 3.28
N LYS A 543 -18.41 18.23 3.80
CA LYS A 543 -17.59 18.58 4.94
C LYS A 543 -16.12 18.42 4.59
N PRO A 544 -15.25 19.31 5.07
CA PRO A 544 -13.82 19.16 4.80
C PRO A 544 -13.29 17.85 5.35
N LEU A 545 -12.37 17.26 4.59
CA LEU A 545 -11.81 15.96 4.90
C LEU A 545 -10.29 16.07 4.90
N LEU A 546 -9.65 15.35 5.82
CA LEU A 546 -8.20 15.35 5.95
C LEU A 546 -7.70 13.92 5.87
N GLU A 547 -7.08 13.58 4.74
CA GLU A 547 -6.53 12.25 4.53
C GLU A 547 -5.02 12.25 4.75
N SER A 548 -4.53 11.18 5.36
CA SER A 548 -3.11 11.04 5.62
C SER A 548 -2.73 9.58 5.50
N GLY A 549 -1.62 9.31 4.84
CA GLY A 549 -1.15 7.95 4.66
C GLY A 549 0.35 7.87 4.84
N THR A 550 0.79 6.74 5.35
CA THR A 550 2.21 6.48 5.56
C THR A 550 2.56 5.09 5.05
N LEU A 551 3.82 4.94 4.67
CA LEU A 551 4.34 3.64 4.24
C LEU A 551 5.83 3.67 4.53
N GLY A 552 6.23 3.01 5.61
CA GLY A 552 7.62 3.05 6.01
C GLY A 552 8.03 4.47 6.35
N THR A 553 9.03 4.98 5.66
CA THR A 553 9.49 6.34 5.86
C THR A 553 8.83 7.34 4.93
N LYS A 554 7.97 6.89 4.03
CA LYS A 554 7.28 7.78 3.12
C LYS A 554 5.93 8.17 3.72
N GLY A 555 5.47 9.36 3.36
CA GLY A 555 4.19 9.83 3.86
C GLY A 555 3.60 10.85 2.93
N ASN A 556 2.27 10.95 2.98
CA ASN A 556 1.56 11.93 2.17
C ASN A 556 0.31 12.38 2.91
N THR A 557 -0.04 13.64 2.68
CA THR A 557 -1.23 14.25 3.28
C THR A 557 -1.99 15.00 2.21
N GLN A 558 -3.31 14.85 2.23
CA GLN A 558 -4.20 15.44 1.26
C GLN A 558 -5.37 16.09 1.99
N VAL A 559 -5.84 17.21 1.44
CA VAL A 559 -6.95 17.96 2.01
C VAL A 559 -8.04 18.08 0.96
N VAL A 560 -9.28 17.79 1.35
CA VAL A 560 -10.42 17.89 0.45
C VAL A 560 -11.36 18.95 1.03
N VAL A 561 -11.66 19.96 0.21
CA VAL A 561 -12.45 21.11 0.63
C VAL A 561 -13.70 21.15 -0.22
N PRO A 562 -14.89 21.35 0.37
CA PRO A 562 -16.11 21.35 -0.45
C PRO A 562 -16.11 22.46 -1.50
N HIS A 563 -16.65 22.12 -2.67
CA HIS A 563 -16.84 23.03 -3.80
C HIS A 563 -15.56 23.65 -4.32
N LEU A 564 -14.40 23.18 -3.86
CA LEU A 564 -13.13 23.76 -4.32
C LEU A 564 -12.23 22.72 -4.97
N THR A 565 -12.03 21.58 -4.33
CA THR A 565 -11.10 20.58 -4.79
C THR A 565 -11.81 19.25 -4.97
N GLU A 566 -11.18 18.36 -5.73
CA GLU A 566 -11.77 17.05 -5.96
C GLU A 566 -11.59 16.17 -4.74
N SER A 567 -12.41 15.12 -4.68
CA SER A 567 -12.43 14.20 -3.54
C SER A 567 -11.31 13.18 -3.66
N TYR A 568 -11.16 12.37 -2.62
CA TYR A 568 -10.10 11.38 -2.62
C TYR A 568 -10.34 10.36 -3.73
N GLY A 569 -11.59 9.97 -3.93
CA GLY A 569 -11.88 8.93 -4.90
C GLY A 569 -11.30 9.24 -6.27
N SER A 570 -11.26 10.51 -6.63
CA SER A 570 -10.66 10.89 -7.91
C SER A 570 -9.23 10.39 -7.99
N SER A 571 -8.50 10.46 -6.88
CA SER A 571 -7.16 9.91 -6.82
C SER A 571 -7.22 8.39 -6.68
N GLN A 572 -6.08 7.75 -6.97
CA GLN A 572 -6.01 6.29 -6.91
C GLN A 572 -4.59 5.86 -6.59
N ASP A 573 -4.46 4.92 -5.66
CA ASP A 573 -3.16 4.34 -5.34
C ASP A 573 -2.83 3.21 -6.32
N PRO A 574 -1.55 2.86 -6.46
CA PRO A 574 -1.20 1.77 -7.35
C PRO A 574 -1.87 0.49 -6.92
N PRO A 575 -2.25 -0.36 -7.86
CA PRO A 575 -2.93 -1.61 -7.49
C PRO A 575 -1.99 -2.63 -6.89
N GLU A 576 -2.51 -3.84 -6.63
CA GLU A 576 -1.71 -4.94 -6.11
C GLU A 576 -1.49 -5.95 -7.22
N LYS A 577 -0.24 -6.39 -7.38
CA LYS A 577 0.11 -7.33 -8.44
C LYS A 577 -0.20 -8.75 -7.97
N SER A 578 -1.20 -9.37 -8.57
CA SER A 578 -1.55 -10.75 -8.29
C SER A 578 -0.82 -11.65 -9.29
N PHE A 579 0.05 -12.50 -8.78
CA PHE A 579 0.82 -13.38 -9.65
C PHE A 579 -0.10 -14.27 -10.46
N PRO A 580 0.20 -14.51 -11.74
CA PRO A 580 -0.69 -15.36 -12.53
C PRO A 580 -0.82 -16.73 -11.89
N ILE A 581 -2.03 -17.29 -11.97
CA ILE A 581 -2.30 -18.56 -11.33
C ILE A 581 -1.36 -19.64 -11.84
N CYS A 582 -0.95 -19.57 -13.10
CA CYS A 582 -0.01 -20.55 -13.62
C CYS A 582 1.30 -20.50 -12.85
N THR A 583 1.81 -19.31 -12.58
CA THR A 583 3.08 -19.20 -11.87
C THR A 583 2.98 -19.79 -10.47
N LEU A 584 1.94 -19.44 -9.74
CA LEU A 584 1.81 -19.91 -8.37
C LEU A 584 1.57 -21.41 -8.31
N LYS A 585 0.71 -21.92 -9.19
CA LYS A 585 0.27 -23.30 -9.07
C LYS A 585 1.36 -24.28 -9.49
N ASN A 586 2.08 -23.97 -10.56
CA ASN A 586 2.96 -24.95 -11.17
C ASN A 586 4.42 -24.53 -11.21
N PHE A 587 4.74 -23.33 -11.67
CA PHE A 587 6.12 -22.95 -12.00
C PHE A 587 6.48 -21.69 -11.23
N PRO A 588 6.82 -21.83 -9.96
CA PRO A 588 7.31 -20.68 -9.20
C PRO A 588 8.78 -20.40 -9.47
N ASN A 589 9.18 -19.15 -9.29
CA ASN A 589 10.58 -18.78 -9.42
C ASN A 589 11.04 -17.77 -8.38
N ARG A 590 10.20 -17.42 -7.41
CA ARG A 590 10.59 -16.53 -6.32
C ARG A 590 9.96 -17.03 -5.03
N ILE A 591 10.47 -16.53 -3.91
CA ILE A 591 9.97 -17.01 -2.63
C ILE A 591 8.56 -16.49 -2.36
N GLU A 592 8.19 -15.35 -2.96
CA GLU A 592 6.85 -14.84 -2.77
C GLU A 592 5.82 -15.79 -3.35
N HIS A 593 6.15 -16.42 -4.48
CA HIS A 593 5.25 -17.41 -5.05
C HIS A 593 5.02 -18.56 -4.08
N THR A 594 6.10 -19.05 -3.46
CA THR A 594 5.95 -20.15 -2.52
C THR A 594 5.15 -19.74 -1.31
N ILE A 595 5.34 -18.51 -0.81
CA ILE A 595 4.57 -18.06 0.34
C ILE A 595 3.08 -17.97 -0.02
N ALA A 596 2.77 -17.43 -1.20
CA ALA A 596 1.37 -17.38 -1.60
C ALA A 596 0.78 -18.76 -1.75
N TRP A 597 1.54 -19.69 -2.33
CA TRP A 597 1.06 -21.06 -2.45
C TRP A 597 0.81 -21.67 -1.09
N ALA A 598 1.70 -21.40 -0.14
CA ALA A 598 1.51 -21.92 1.21
C ALA A 598 0.26 -21.35 1.85
N ARG A 599 0.01 -20.06 1.65
CA ARG A 599 -1.20 -19.48 2.23
C ARG A 599 -2.45 -20.10 1.63
N ASP A 600 -2.46 -20.29 0.31
CA ASP A 600 -3.61 -20.94 -0.31
C ASP A 600 -3.78 -22.35 0.18
N LEU A 601 -2.67 -23.08 0.36
CA LEU A 601 -2.77 -24.44 0.86
C LEU A 601 -3.34 -24.45 2.28
N PHE A 602 -2.89 -23.53 3.13
CA PHE A 602 -3.42 -23.46 4.48
C PHE A 602 -4.92 -23.20 4.46
N GLU A 603 -5.35 -22.26 3.63
CA GLU A 603 -6.78 -21.97 3.55
C GLU A 603 -7.55 -23.19 3.09
N GLY A 604 -7.03 -23.91 2.10
CA GLY A 604 -7.75 -25.06 1.57
C GLY A 604 -7.70 -26.29 2.44
N LEU A 605 -6.74 -26.37 3.36
CA LEU A 605 -6.63 -27.53 4.23
C LEU A 605 -7.26 -27.36 5.59
N PHE A 606 -7.21 -26.16 6.17
CA PHE A 606 -7.65 -25.98 7.55
C PHE A 606 -8.85 -25.07 7.72
N LYS A 607 -9.27 -24.34 6.68
CA LYS A 607 -10.36 -23.38 6.83
C LYS A 607 -11.57 -23.78 6.00
N GLN A 608 -11.42 -23.96 4.69
CA GLN A 608 -12.60 -24.19 3.86
C GLN A 608 -13.29 -25.52 4.17
N PRO A 609 -12.59 -26.65 4.27
CA PRO A 609 -13.30 -27.89 4.58
C PRO A 609 -14.05 -27.85 5.90
N ILE A 610 -13.49 -27.21 6.92
CA ILE A 610 -14.20 -27.12 8.19
C ILE A 610 -15.46 -26.29 8.04
N ASP A 611 -15.38 -25.21 7.26
CA ASP A 611 -16.57 -24.41 7.01
C ASP A 611 -17.63 -25.23 6.29
N ASN A 612 -17.22 -26.02 5.29
CA ASN A 612 -18.19 -26.86 4.60
C ASN A 612 -18.83 -27.87 5.55
N VAL A 613 -18.02 -28.49 6.41
CA VAL A 613 -18.56 -29.48 7.34
C VAL A 613 -19.56 -28.83 8.30
N ASN A 614 -19.20 -27.68 8.84
CA ASN A 614 -20.09 -27.00 9.78
C ASN A 614 -21.38 -26.58 9.08
N MET A 615 -21.27 -26.06 7.86
CA MET A 615 -22.46 -25.63 7.14
C MET A 615 -23.35 -26.80 6.76
N TYR A 616 -22.75 -27.98 6.54
CA TYR A 616 -23.58 -29.14 6.22
C TYR A 616 -24.47 -29.51 7.38
N LEU A 617 -23.96 -29.44 8.61
CA LEU A 617 -24.73 -29.83 9.78
C LEU A 617 -25.66 -28.73 10.28
N SER A 618 -25.63 -27.56 9.66
CA SER A 618 -26.52 -26.46 10.03
C SER A 618 -27.63 -26.25 9.03
N SER A 619 -27.30 -26.10 7.75
CA SER A 619 -28.33 -25.88 6.74
C SER A 619 -29.03 -27.19 6.42
N PRO A 620 -30.36 -27.27 6.58
CA PRO A 620 -31.06 -28.53 6.29
C PRO A 620 -31.07 -28.90 4.82
N ASN A 621 -30.79 -27.95 3.93
CA ASN A 621 -30.83 -28.18 2.49
C ASN A 621 -29.51 -27.78 1.85
N PHE A 622 -28.40 -28.07 2.54
CA PHE A 622 -27.11 -27.64 2.05
C PHE A 622 -26.71 -28.42 0.79
N LEU A 623 -26.93 -29.74 0.79
CA LEU A 623 -26.46 -30.56 -0.32
C LEU A 623 -27.12 -30.15 -1.63
N GLU A 624 -28.44 -29.93 -1.61
CA GLU A 624 -29.13 -29.57 -2.84
C GLU A 624 -28.67 -28.22 -3.37
N THR A 625 -28.50 -27.25 -2.47
CA THR A 625 -28.02 -25.94 -2.91
C THR A 625 -26.62 -26.03 -3.49
N SER A 626 -25.74 -26.80 -2.84
CA SER A 626 -24.37 -26.92 -3.32
C SER A 626 -24.31 -27.65 -4.65
N LEU A 627 -25.18 -28.63 -4.85
CA LEU A 627 -25.13 -29.43 -6.07
C LEU A 627 -25.36 -28.60 -7.31
N LYS A 628 -26.16 -27.53 -7.20
CA LYS A 628 -26.48 -26.69 -8.34
C LYS A 628 -25.94 -25.27 -8.21
N THR A 629 -25.18 -24.97 -7.17
CA THR A 629 -24.60 -23.64 -6.99
C THR A 629 -23.09 -23.68 -6.96
N SER A 630 -22.48 -24.57 -6.19
CA SER A 630 -21.03 -24.58 -6.07
C SER A 630 -20.38 -25.00 -7.38
N SER A 631 -19.20 -24.45 -7.63
CA SER A 631 -18.48 -24.78 -8.86
C SER A 631 -18.04 -26.24 -8.89
N ASN A 632 -17.60 -26.78 -7.75
CA ASN A 632 -17.11 -28.15 -7.65
C ASN A 632 -17.84 -28.85 -6.52
N PRO A 633 -19.08 -29.30 -6.76
CA PRO A 633 -19.77 -30.07 -5.73
C PRO A 633 -19.03 -31.33 -5.33
N ARG A 634 -18.34 -31.97 -6.28
CA ARG A 634 -17.61 -33.19 -5.96
C ARG A 634 -16.54 -32.92 -4.92
N GLU A 635 -15.82 -31.81 -5.05
CA GLU A 635 -14.78 -31.49 -4.07
C GLU A 635 -15.38 -31.29 -2.69
N VAL A 636 -16.51 -30.59 -2.61
CA VAL A 636 -17.14 -30.36 -1.31
C VAL A 636 -17.57 -31.68 -0.69
N LEU A 637 -18.18 -32.55 -1.49
CA LEU A 637 -18.61 -33.84 -0.97
C LEU A 637 -17.43 -34.66 -0.47
N GLU A 638 -16.34 -34.67 -1.25
CA GLU A 638 -15.16 -35.42 -0.83
C GLU A 638 -14.59 -34.85 0.47
N ASN A 639 -14.51 -33.53 0.58
CA ASN A 639 -14.01 -32.93 1.81
C ASN A 639 -14.87 -33.30 2.99
N ILE A 640 -16.20 -33.21 2.83
CA ILE A 640 -17.10 -33.53 3.93
C ILE A 640 -16.92 -34.98 4.37
N ARG A 641 -16.87 -35.89 3.40
CA ARG A 641 -16.70 -37.30 3.75
C ARG A 641 -15.39 -37.53 4.47
N ASP A 642 -14.30 -36.97 3.93
CA ASP A 642 -12.98 -37.21 4.50
C ASP A 642 -12.88 -36.64 5.90
N TYR A 643 -13.44 -35.46 6.13
CA TYR A 643 -13.32 -34.84 7.44
C TYR A 643 -14.38 -35.29 8.43
N LEU A 644 -15.37 -36.08 8.00
CA LEU A 644 -16.36 -36.59 8.93
C LEU A 644 -16.14 -38.05 9.28
N VAL A 645 -15.95 -38.93 8.29
CA VAL A 645 -15.93 -40.36 8.50
C VAL A 645 -14.61 -40.99 8.07
N THR A 646 -14.14 -40.64 6.88
CA THR A 646 -13.02 -41.37 6.30
C THR A 646 -11.74 -41.15 7.10
N GLU A 647 -11.44 -39.89 7.43
CA GLU A 647 -10.19 -39.53 8.07
C GLU A 647 -10.44 -38.71 9.33
N LYS A 648 -11.37 -39.17 10.15
CA LYS A 648 -11.61 -38.51 11.43
C LYS A 648 -10.62 -39.05 12.46
N PRO A 649 -9.73 -38.22 12.99
CA PRO A 649 -8.74 -38.73 13.94
C PRO A 649 -9.37 -39.10 15.28
N LEU A 650 -8.78 -40.11 15.91
CA LEU A 650 -9.15 -40.49 17.26
C LEU A 650 -8.03 -40.25 18.27
N SER A 651 -6.85 -39.85 17.82
CA SER A 651 -5.74 -39.56 18.71
C SER A 651 -4.75 -38.67 17.97
N PHE A 652 -3.68 -38.30 18.65
CA PHE A 652 -2.68 -37.45 18.03
C PHE A 652 -1.82 -38.23 17.05
N GLU A 653 -1.67 -39.54 17.27
CA GLU A 653 -0.88 -40.35 16.36
C GLU A 653 -1.49 -40.35 14.97
N GLU A 654 -2.81 -40.43 14.88
CA GLU A 654 -3.46 -40.37 13.58
C GLU A 654 -3.26 -38.99 12.95
N CYS A 655 -3.20 -37.94 13.75
CA CYS A 655 -2.89 -36.63 13.20
C CYS A 655 -1.49 -36.60 12.62
N ILE A 656 -0.54 -37.22 13.30
CA ILE A 656 0.83 -37.28 12.78
C ILE A 656 0.85 -38.06 11.47
N MET A 657 0.13 -39.19 11.42
CA MET A 657 0.08 -39.98 10.19
C MET A 657 -0.53 -39.17 9.05
N TRP A 658 -1.59 -38.42 9.33
CA TRP A 658 -2.20 -37.60 8.31
C TRP A 658 -1.25 -36.52 7.82
N ALA A 659 -0.49 -35.91 8.75
CA ALA A 659 0.47 -34.91 8.34
C ALA A 659 1.54 -35.50 7.45
N ARG A 660 2.03 -36.69 7.79
CA ARG A 660 3.01 -37.35 6.93
C ARG A 660 2.43 -37.63 5.56
N LEU A 661 1.19 -38.10 5.52
CA LEU A 661 0.57 -38.39 4.23
C LEU A 661 0.42 -37.12 3.40
N GLN A 662 0.06 -36.01 4.03
CA GLN A 662 -0.07 -34.77 3.28
C GLN A 662 1.28 -34.27 2.79
N PHE A 663 2.32 -34.42 3.60
CA PHE A 663 3.67 -34.10 3.14
C PHE A 663 3.99 -34.87 1.87
N ASP A 664 3.78 -36.18 1.89
CA ASP A 664 4.06 -36.98 0.71
C ASP A 664 3.22 -36.52 -0.47
N LYS A 665 1.93 -36.24 -0.24
CA LYS A 665 1.05 -35.87 -1.32
C LYS A 665 1.50 -34.59 -1.99
N PHE A 666 1.90 -33.58 -1.21
CA PHE A 666 2.11 -32.25 -1.76
C PHE A 666 3.55 -31.96 -2.13
N PHE A 667 4.52 -32.71 -1.61
CA PHE A 667 5.92 -32.41 -1.89
C PHE A 667 6.66 -33.55 -2.56
N ASN A 668 6.03 -34.69 -2.79
CA ASN A 668 6.73 -35.82 -3.38
C ASN A 668 5.97 -36.41 -4.57
N ASN A 669 4.65 -36.33 -4.56
CA ASN A 669 3.85 -36.97 -5.60
C ASN A 669 3.52 -36.01 -6.73
N ASN A 670 3.06 -34.80 -6.39
CA ASN A 670 2.72 -33.85 -7.43
C ASN A 670 3.94 -33.47 -8.25
N ILE A 671 5.11 -33.41 -7.63
CA ILE A 671 6.33 -33.12 -8.38
C ILE A 671 6.62 -34.24 -9.37
N GLN A 672 6.42 -35.50 -8.94
CA GLN A 672 6.62 -36.61 -9.86
C GLN A 672 5.63 -36.54 -11.01
N GLN A 673 4.37 -36.21 -10.72
CA GLN A 673 3.39 -36.07 -11.80
C GLN A 673 3.79 -34.98 -12.77
N LEU A 674 4.22 -33.83 -12.26
CA LEU A 674 4.61 -32.73 -13.13
C LEU A 674 5.80 -33.11 -13.99
N LEU A 675 6.79 -33.78 -13.41
CA LEU A 675 7.95 -34.19 -14.19
C LEU A 675 7.60 -35.30 -15.17
N PHE A 676 6.55 -36.07 -14.89
CA PHE A 676 6.10 -37.06 -15.85
C PHE A 676 5.42 -36.39 -17.03
N ASN A 677 4.68 -35.31 -16.77
CA ASN A 677 4.05 -34.58 -17.86
C ASN A 677 5.07 -33.76 -18.64
N PHE A 678 6.02 -33.14 -17.96
CA PHE A 678 7.03 -32.30 -18.60
C PHE A 678 8.41 -32.75 -18.15
N PRO A 679 9.01 -33.71 -18.85
CA PRO A 679 10.34 -34.18 -18.45
C PRO A 679 11.37 -33.06 -18.54
N LYS A 680 12.49 -33.27 -17.85
CA LYS A 680 13.52 -32.23 -17.79
C LYS A 680 14.16 -31.96 -19.14
N ASP A 681 14.08 -32.91 -20.07
CA ASP A 681 14.65 -32.74 -21.40
C ASP A 681 13.61 -32.36 -22.43
N SER A 682 12.39 -32.07 -22.01
CA SER A 682 11.35 -31.70 -22.96
C SER A 682 11.62 -30.33 -23.55
N VAL A 683 11.11 -30.11 -24.77
CA VAL A 683 11.32 -28.86 -25.50
C VAL A 683 9.97 -28.27 -25.85
N THR A 684 9.97 -26.97 -26.10
CA THR A 684 8.73 -26.27 -26.45
C THR A 684 8.41 -26.50 -27.92
N SER A 685 7.42 -25.77 -28.42
CA SER A 685 7.05 -25.91 -29.83
C SER A 685 8.10 -25.31 -30.74
N THR A 686 8.81 -24.28 -30.27
CA THR A 686 9.82 -23.61 -31.05
C THR A 686 11.19 -24.28 -30.93
N GLY A 687 11.27 -25.38 -30.20
CA GLY A 687 12.52 -26.08 -30.01
C GLY A 687 13.29 -25.70 -28.77
N GLN A 688 12.91 -24.61 -28.10
CA GLN A 688 13.62 -24.20 -26.91
C GLN A 688 13.40 -25.20 -25.79
N PRO A 689 14.37 -25.36 -24.89
CA PRO A 689 14.16 -26.23 -23.74
C PRO A 689 13.02 -25.71 -22.87
N PHE A 690 12.21 -26.63 -22.37
CA PHE A 690 11.05 -26.23 -21.58
C PHE A 690 11.47 -25.64 -20.25
N TRP A 691 12.35 -26.34 -19.53
CA TRP A 691 12.77 -25.89 -18.20
C TRP A 691 13.97 -24.96 -18.34
N SER A 692 13.70 -23.76 -18.85
CA SER A 692 14.73 -22.75 -19.02
C SER A 692 14.13 -21.38 -18.79
N GLY A 693 14.91 -20.49 -18.16
CA GLY A 693 14.47 -19.15 -17.90
C GLY A 693 13.61 -19.07 -16.66
N PRO A 694 12.41 -18.49 -16.77
CA PRO A 694 11.55 -18.37 -15.58
C PRO A 694 11.11 -19.71 -15.03
N LYS A 695 11.15 -20.77 -15.82
CA LYS A 695 10.72 -22.09 -15.39
C LYS A 695 11.94 -22.89 -14.95
N ARG A 696 11.90 -23.36 -13.71
CA ARG A 696 13.00 -24.10 -13.11
C ARG A 696 12.57 -25.56 -12.94
N ALA A 697 13.44 -26.48 -13.30
CA ALA A 697 13.12 -27.89 -13.20
C ALA A 697 13.02 -28.32 -11.74
N PRO A 698 11.90 -28.86 -11.29
CA PRO A 698 11.77 -29.30 -9.89
C PRO A 698 12.38 -30.68 -9.69
N THR A 699 12.40 -31.11 -8.42
CA THR A 699 12.90 -32.42 -8.05
C THR A 699 12.16 -32.92 -6.81
N PRO A 700 11.63 -34.14 -6.83
CA PRO A 700 10.88 -34.63 -5.67
C PRO A 700 11.74 -34.71 -4.42
N LEU A 701 11.09 -34.53 -3.26
CA LEU A 701 11.74 -34.61 -1.97
C LEU A 701 11.45 -35.95 -1.30
N SER A 702 12.47 -36.51 -0.67
CA SER A 702 12.34 -37.73 0.12
C SER A 702 12.29 -37.35 1.59
N PHE A 703 11.34 -37.92 2.33
CA PHE A 703 11.13 -37.53 3.71
C PHE A 703 12.26 -38.03 4.60
N ASP A 704 12.97 -37.10 5.23
CA ASP A 704 14.05 -37.41 6.17
C ASP A 704 13.71 -36.76 7.49
N ILE A 705 13.42 -37.57 8.50
CA ILE A 705 12.95 -37.05 9.77
C ILE A 705 14.03 -36.21 10.45
N HIS A 706 15.30 -36.53 10.23
CA HIS A 706 16.37 -35.80 10.88
C HIS A 706 16.48 -34.37 10.39
N ASN A 707 15.96 -34.07 9.21
CA ASN A 707 16.00 -32.71 8.71
C ASN A 707 15.10 -31.81 9.54
N ARG A 708 15.53 -30.56 9.75
CA ARG A 708 14.77 -29.67 10.61
C ARG A 708 13.47 -29.25 9.95
N GLU A 709 13.51 -28.95 8.65
CA GLU A 709 12.34 -28.41 7.99
C GLU A 709 11.23 -29.44 7.90
N HIS A 710 11.58 -30.69 7.57
CA HIS A 710 10.55 -31.72 7.50
C HIS A 710 9.88 -31.90 8.85
N PHE A 711 10.66 -31.95 9.91
CA PHE A 711 10.10 -32.11 11.24
C PHE A 711 9.22 -30.93 11.61
N ASP A 712 9.65 -29.73 11.26
CA ASP A 712 8.85 -28.55 11.55
C ASP A 712 7.51 -28.61 10.83
N PHE A 713 7.52 -29.00 9.55
CA PHE A 713 6.28 -29.12 8.82
C PHE A 713 5.37 -30.17 9.44
N ILE A 714 5.93 -31.32 9.82
CA ILE A 714 5.11 -32.36 10.42
C ILE A 714 4.48 -31.87 11.70
N VAL A 715 5.26 -31.22 12.56
CA VAL A 715 4.74 -30.75 13.84
C VAL A 715 3.63 -29.73 13.60
N ALA A 716 3.86 -28.78 12.70
CA ALA A 716 2.87 -27.73 12.47
C ALA A 716 1.58 -28.31 11.93
N ALA A 717 1.69 -29.21 10.95
CA ALA A 717 0.48 -29.80 10.37
C ALA A 717 -0.28 -30.62 11.41
N ALA A 718 0.44 -31.41 12.21
CA ALA A 718 -0.24 -32.20 13.22
C ALA A 718 -0.92 -31.32 14.26
N SER A 719 -0.24 -30.26 14.68
CA SER A 719 -0.84 -29.35 15.67
C SER A 719 -2.09 -28.70 15.12
N LEU A 720 -2.05 -28.24 13.86
CA LEU A 720 -3.21 -27.59 13.29
C LEU A 720 -4.36 -28.57 13.13
N TYR A 721 -4.06 -29.80 12.71
CA TYR A 721 -5.11 -30.79 12.60
C TYR A 721 -5.75 -31.08 13.95
N ALA A 722 -4.91 -31.23 14.98
CA ALA A 722 -5.44 -31.48 16.32
C ALA A 722 -6.30 -30.32 16.80
N PHE A 723 -5.87 -29.09 16.53
CA PHE A 723 -6.69 -27.95 16.90
C PHE A 723 -8.02 -27.99 16.18
N ASN A 724 -8.01 -28.37 14.90
CA ASN A 724 -9.26 -28.46 14.16
C ASN A 724 -10.19 -29.49 14.79
N TYR A 725 -9.66 -30.63 15.19
CA TYR A 725 -10.47 -31.67 15.80
C TYR A 725 -10.51 -31.60 17.31
N GLY A 726 -9.96 -30.54 17.90
CA GLY A 726 -10.05 -30.36 19.34
C GLY A 726 -9.38 -31.46 20.12
N LEU A 727 -8.19 -31.87 19.70
CA LEU A 727 -7.43 -32.90 20.38
C LEU A 727 -6.29 -32.25 21.16
N LYS A 728 -5.55 -33.09 21.88
CA LYS A 728 -4.44 -32.63 22.73
C LYS A 728 -3.14 -32.82 21.95
N SER A 729 -2.51 -31.71 21.59
CA SER A 729 -1.29 -31.74 20.79
C SER A 729 -0.07 -31.86 21.71
N GLU A 730 1.01 -32.37 21.13
CA GLU A 730 2.27 -32.52 21.84
C GLU A 730 3.41 -32.04 20.97
N THR A 731 4.50 -31.63 21.63
CA THR A 731 5.66 -31.10 20.94
C THR A 731 6.94 -31.88 21.23
N ASP A 732 6.87 -32.93 22.05
CA ASP A 732 8.07 -33.71 22.33
C ASP A 732 8.48 -34.49 21.08
N PRO A 733 9.72 -34.36 20.61
CA PRO A 733 10.13 -35.10 19.41
C PRO A 733 10.11 -36.61 19.59
N ALA A 734 10.13 -37.12 20.82
CA ALA A 734 10.22 -38.56 21.03
C ALA A 734 9.03 -39.28 20.42
N ILE A 735 7.81 -38.77 20.67
CA ILE A 735 6.63 -39.42 20.14
C ILE A 735 6.62 -39.35 18.62
N TYR A 736 7.04 -38.21 18.06
CA TYR A 736 7.06 -38.09 16.61
C TYR A 736 8.02 -39.11 16.00
N GLU A 737 9.21 -39.24 16.57
CA GLU A 737 10.18 -40.18 16.03
C GLU A 737 9.72 -41.61 16.23
N ARG A 738 8.99 -41.89 17.30
CA ARG A 738 8.47 -43.24 17.50
C ARG A 738 7.39 -43.58 16.49
N VAL A 739 6.47 -42.64 16.24
CA VAL A 739 5.35 -42.94 15.36
C VAL A 739 5.80 -42.99 13.90
N LEU A 740 6.57 -42.00 13.47
CA LEU A 740 6.92 -41.91 12.06
C LEU A 740 7.84 -43.02 11.62
N ALA A 741 8.48 -43.74 12.55
CA ALA A 741 9.29 -44.89 12.15
C ALA A 741 8.43 -45.98 11.53
N GLY A 742 7.26 -46.22 12.09
CA GLY A 742 6.38 -47.25 11.57
C GLY A 742 5.36 -46.72 10.58
N TYR A 743 5.84 -46.16 9.48
CA TYR A 743 4.98 -45.65 8.42
C TYR A 743 5.36 -46.30 7.09
N ASN A 744 4.38 -46.90 6.43
CA ASN A 744 4.59 -47.56 5.15
C ASN A 744 4.10 -46.67 4.03
N PRO A 745 4.97 -46.09 3.21
CA PRO A 745 4.52 -45.20 2.15
C PRO A 745 3.72 -45.97 1.11
N PRO A 746 2.48 -45.59 0.86
CA PRO A 746 1.70 -46.22 -0.21
C PRO A 746 2.38 -46.02 -1.56
N PRO A 747 2.31 -47.01 -2.45
CA PRO A 747 2.95 -46.84 -3.76
C PRO A 747 2.24 -45.77 -4.58
N PHE A 748 3.02 -45.13 -5.45
CA PHE A 748 2.49 -44.09 -6.33
C PHE A 748 3.25 -44.11 -7.64
N ALA A 749 2.51 -44.19 -8.75
CA ALA A 749 3.10 -44.13 -10.08
C ALA A 749 2.33 -43.12 -10.91
N PRO A 750 3.01 -42.20 -11.60
CA PRO A 750 2.29 -41.19 -12.38
C PRO A 750 1.41 -41.84 -13.44
N LYS A 751 0.24 -41.25 -13.67
CA LYS A 751 -0.73 -41.76 -14.62
C LYS A 751 -0.66 -40.95 -15.91
N SER A 752 -0.63 -41.66 -17.05
CA SER A 752 -0.61 -41.02 -18.36
C SER A 752 -2.00 -40.80 -18.93
N GLY A 753 -3.05 -41.26 -18.26
CA GLY A 753 -4.41 -41.08 -18.73
C GLY A 753 -4.83 -42.19 -19.71
N ILE A 754 -4.96 -41.83 -20.99
CA ILE A 754 -5.37 -42.76 -22.02
C ILE A 754 -6.73 -43.35 -21.67
N ALA A 769 -21.31 -41.84 -19.35
CA ALA A 769 -22.62 -41.24 -19.56
C ALA A 769 -22.94 -40.29 -18.42
N ASN A 770 -24.20 -40.27 -17.98
CA ASN A 770 -24.63 -39.42 -16.89
C ASN A 770 -24.46 -40.08 -15.53
N LYS A 771 -23.57 -41.07 -15.42
CA LYS A 771 -23.33 -41.73 -14.15
C LYS A 771 -22.60 -40.86 -13.15
N ASP A 772 -22.08 -39.70 -13.57
CA ASP A 772 -21.41 -38.81 -12.63
C ASP A 772 -22.36 -38.36 -11.53
N LYS A 773 -23.60 -38.04 -11.90
CA LYS A 773 -24.59 -37.70 -10.89
C LYS A 773 -24.84 -38.87 -9.96
N GLN A 774 -24.86 -40.09 -10.49
CA GLN A 774 -25.03 -41.26 -9.65
C GLN A 774 -23.89 -41.40 -8.67
N GLU A 775 -22.65 -41.18 -9.13
CA GLU A 775 -21.51 -41.26 -8.23
C GLU A 775 -21.58 -40.19 -7.15
N LEU A 776 -21.98 -38.98 -7.52
CA LEU A 776 -22.11 -37.91 -6.52
C LEU A 776 -23.18 -38.25 -5.51
N LYS A 777 -24.31 -38.81 -5.96
CA LYS A 777 -25.36 -39.22 -5.03
C LYS A 777 -24.86 -40.32 -4.10
N SER A 778 -24.10 -41.29 -4.65
CA SER A 778 -23.57 -42.35 -3.80
C SER A 778 -22.64 -41.79 -2.74
N ILE A 779 -21.80 -40.82 -3.12
CA ILE A 779 -20.94 -40.18 -2.13
C ILE A 779 -21.78 -39.45 -1.09
N ALA A 780 -22.82 -38.75 -1.54
CA ALA A 780 -23.61 -37.94 -0.64
C ALA A 780 -24.32 -38.79 0.41
N ASP A 781 -24.95 -39.89 -0.03
CA ASP A 781 -25.69 -40.71 0.91
C ASP A 781 -24.79 -41.41 1.90
N SER A 782 -23.49 -41.50 1.59
CA SER A 782 -22.56 -42.09 2.54
C SER A 782 -22.41 -41.23 3.78
N LEU A 783 -22.68 -39.94 3.67
CA LEU A 783 -22.54 -39.05 4.82
C LEU A 783 -23.61 -39.37 5.86
N PRO A 784 -23.27 -39.33 7.15
CA PRO A 784 -24.28 -39.56 8.18
C PRO A 784 -25.31 -38.45 8.16
N PRO A 785 -26.56 -38.77 8.54
CA PRO A 785 -27.59 -37.73 8.51
C PRO A 785 -27.29 -36.64 9.53
N PRO A 786 -27.68 -35.39 9.25
CA PRO A 786 -27.43 -34.33 10.24
C PRO A 786 -28.09 -34.58 11.58
N SER A 787 -29.23 -35.26 11.60
CA SER A 787 -29.90 -35.54 12.86
C SER A 787 -29.08 -36.48 13.72
N SER A 788 -28.31 -37.38 13.10
CA SER A 788 -27.50 -38.31 13.88
C SER A 788 -26.43 -37.59 14.67
N LEU A 789 -25.84 -36.55 14.09
CA LEU A 789 -24.78 -35.77 14.72
C LEU A 789 -25.36 -34.42 15.14
N VAL A 790 -25.66 -34.29 16.43
CA VAL A 790 -26.19 -33.05 17.00
C VAL A 790 -25.16 -32.53 18.00
N GLY A 791 -24.76 -31.28 17.83
CA GLY A 791 -23.80 -30.66 18.73
C GLY A 791 -22.36 -30.99 18.43
N PHE A 792 -22.08 -31.68 17.34
CA PHE A 792 -20.71 -32.00 16.95
C PHE A 792 -20.25 -30.97 15.93
N ARG A 793 -19.36 -30.07 16.35
CA ARG A 793 -18.85 -29.02 15.49
C ARG A 793 -17.33 -29.06 15.47
N LEU A 794 -16.75 -28.79 14.31
CA LEU A 794 -15.31 -28.71 14.14
C LEU A 794 -14.88 -27.25 14.10
N THR A 795 -13.74 -26.97 14.73
CA THR A 795 -13.27 -25.60 14.89
C THR A 795 -12.47 -25.18 13.67
N PRO A 796 -12.94 -24.23 12.86
CA PRO A 796 -12.12 -23.73 11.76
C PRO A 796 -10.93 -22.94 12.27
N ALA A 797 -9.86 -22.94 11.50
CA ALA A 797 -8.63 -22.24 11.84
C ALA A 797 -8.65 -20.87 11.15
N GLU A 798 -8.84 -19.81 11.93
CA GLU A 798 -8.82 -18.45 11.42
C GLU A 798 -7.41 -17.90 11.50
N PHE A 799 -6.88 -17.44 10.38
CA PHE A 799 -5.49 -17.01 10.33
C PHE A 799 -5.27 -15.79 11.22
N GLU A 800 -4.27 -15.87 12.09
CA GLU A 800 -3.91 -14.77 12.98
C GLU A 800 -2.39 -14.68 13.02
N LYS A 801 -1.85 -13.61 12.43
CA LYS A 801 -0.40 -13.49 12.33
C LYS A 801 0.25 -13.07 13.63
N ASP A 802 -0.43 -12.26 14.44
CA ASP A 802 0.20 -11.68 15.61
C ASP A 802 0.38 -12.69 16.74
N ASP A 803 -0.34 -13.80 16.72
CA ASP A 803 -0.23 -14.80 17.77
C ASP A 803 0.84 -15.82 17.39
N ASP A 804 1.78 -16.05 18.31
CA ASP A 804 2.91 -16.93 18.08
C ASP A 804 2.72 -18.31 18.68
N SER A 805 1.52 -18.63 19.17
CA SER A 805 1.25 -19.91 19.80
C SER A 805 0.18 -20.70 19.06
N ASN A 806 -0.02 -20.43 17.77
CA ASN A 806 -1.01 -21.15 16.99
C ASN A 806 -0.40 -21.87 15.78
N HIS A 807 0.91 -21.79 15.59
CA HIS A 807 1.60 -22.56 14.55
C HIS A 807 1.18 -22.13 13.14
N HIS A 808 0.56 -20.96 13.01
CA HIS A 808 0.13 -20.52 11.69
C HIS A 808 1.33 -20.11 10.84
N ILE A 809 2.07 -19.10 11.31
CA ILE A 809 3.24 -18.66 10.58
C ILE A 809 4.28 -19.75 10.51
N ASP A 810 4.35 -20.60 11.53
CA ASP A 810 5.28 -21.74 11.47
C ASP A 810 4.93 -22.64 10.29
N PHE A 811 3.65 -22.98 10.14
CA PHE A 811 3.25 -23.83 9.04
C PHE A 811 3.50 -23.16 7.70
N ILE A 812 3.18 -21.87 7.59
CA ILE A 812 3.39 -21.19 6.31
C ILE A 812 4.86 -21.16 5.95
N THR A 813 5.73 -20.87 6.93
CA THR A 813 7.15 -20.87 6.66
C THR A 813 7.63 -22.25 6.25
N ALA A 814 7.17 -23.29 6.93
CA ALA A 814 7.60 -24.63 6.58
C ALA A 814 7.19 -24.98 5.16
N ALA A 815 5.95 -24.70 4.79
CA ALA A 815 5.50 -25.03 3.45
C ALA A 815 6.26 -24.24 2.40
N SER A 816 6.46 -22.94 2.64
CA SER A 816 7.17 -22.13 1.66
C SER A 816 8.61 -22.60 1.49
N ASN A 817 9.29 -22.90 2.59
CA ASN A 817 10.67 -23.36 2.47
C ASN A 817 10.75 -24.71 1.79
N LEU A 818 9.82 -25.62 2.07
CA LEU A 818 9.86 -26.90 1.39
C LEU A 818 9.64 -26.74 -0.10
N ARG A 819 8.68 -25.91 -0.49
CA ARG A 819 8.44 -25.72 -1.92
C ARG A 819 9.61 -25.02 -2.57
N ALA A 820 10.29 -24.13 -1.85
CA ALA A 820 11.49 -23.51 -2.40
C ALA A 820 12.59 -24.54 -2.60
N MET A 821 12.76 -25.44 -1.64
CA MET A 821 13.73 -26.53 -1.81
C MET A 821 13.36 -27.42 -2.97
N ASN A 822 12.06 -27.52 -3.29
CA ASN A 822 11.66 -28.29 -4.45
C ASN A 822 12.22 -27.68 -5.73
N TYR A 823 12.16 -26.34 -5.85
CA TYR A 823 12.53 -25.66 -7.08
C TYR A 823 13.86 -24.92 -6.97
N ASP A 824 14.69 -25.28 -5.99
CA ASP A 824 16.01 -24.67 -5.82
C ASP A 824 15.95 -23.16 -5.70
N ILE A 825 14.98 -22.66 -4.95
CA ILE A 825 14.86 -21.23 -4.68
C ILE A 825 15.43 -20.99 -3.29
N THR A 826 15.86 -19.75 -3.05
CA THR A 826 16.45 -19.42 -1.76
C THR A 826 15.38 -19.40 -0.68
N PRO A 827 15.48 -20.21 0.37
CA PRO A 827 14.47 -20.18 1.42
C PRO A 827 14.54 -18.92 2.25
N ALA A 828 13.40 -18.56 2.84
CA ALA A 828 13.27 -17.38 3.69
C ALA A 828 12.94 -17.81 5.12
N ASP A 829 13.34 -16.99 6.07
CA ASP A 829 13.13 -17.28 7.48
C ASP A 829 11.71 -16.94 7.89
N ARG A 830 11.41 -17.13 9.17
CA ARG A 830 10.06 -16.84 9.67
C ARG A 830 9.76 -15.35 9.64
N PHE A 831 10.79 -14.51 9.80
CA PHE A 831 10.55 -13.07 9.84
C PHE A 831 10.00 -12.57 8.51
N LYS A 832 10.67 -12.89 7.41
CA LYS A 832 10.19 -12.44 6.11
C LYS A 832 8.89 -13.13 5.75
N THR A 833 8.71 -14.39 6.17
CA THR A 833 7.46 -15.07 5.91
C THR A 833 6.30 -14.36 6.58
N LYS A 834 6.50 -13.93 7.83
CA LYS A 834 5.46 -13.17 8.52
C LYS A 834 5.25 -11.82 7.85
N PHE A 835 6.32 -11.19 7.39
CA PHE A 835 6.17 -9.91 6.72
C PHE A 835 5.34 -10.04 5.44
N VAL A 836 5.59 -11.07 4.65
CA VAL A 836 4.94 -11.18 3.35
C VAL A 836 3.53 -11.72 3.50
N ALA A 837 3.37 -12.85 4.19
CA ALA A 837 2.06 -13.50 4.26
C ALA A 837 1.05 -12.62 4.97
N GLY A 838 1.46 -11.94 6.03
CA GLY A 838 0.51 -11.19 6.83
C GLY A 838 0.13 -9.84 6.28
N LYS A 839 0.70 -9.43 5.15
CA LYS A 839 0.44 -8.12 4.56
C LYS A 839 0.66 -7.02 5.59
N ILE A 840 1.76 -7.13 6.34
CA ILE A 840 2.07 -6.15 7.36
C ILE A 840 2.59 -4.88 6.69
N VAL A 841 2.04 -3.75 7.07
CA VAL A 841 2.46 -2.45 6.53
C VAL A 841 3.54 -1.88 7.44
N PRO A 842 4.76 -1.67 6.96
CA PRO A 842 5.78 -1.05 7.80
C PRO A 842 5.35 0.32 8.26
N ALA A 843 5.69 0.65 9.51
CA ALA A 843 5.29 1.91 10.11
C ALA A 843 6.42 2.44 10.98
N MET A 844 6.42 3.76 11.17
CA MET A 844 7.45 4.43 11.96
C MET A 844 6.81 5.53 12.77
N CYS A 845 7.44 5.87 13.89
CA CYS A 845 6.93 6.96 14.72
C CYS A 845 7.23 8.31 14.08
N THR A 846 8.39 8.45 13.45
CA THR A 846 8.75 9.73 12.87
C THR A 846 7.80 10.10 11.74
N SER A 847 7.46 9.14 10.89
CA SER A 847 6.52 9.42 9.81
C SER A 847 5.17 9.82 10.36
N THR A 848 4.72 9.15 11.41
CA THR A 848 3.45 9.53 12.03
C THR A 848 3.50 10.95 12.56
N ALA A 849 4.60 11.32 13.23
CA ALA A 849 4.72 12.68 13.73
C ALA A 849 4.69 13.69 12.60
N VAL A 850 5.39 13.41 11.50
CA VAL A 850 5.44 14.36 10.40
C VAL A 850 4.06 14.52 9.76
N VAL A 851 3.36 13.42 9.53
CA VAL A 851 2.05 13.54 8.90
C VAL A 851 1.08 14.25 9.82
N SER A 852 1.17 14.00 11.12
CA SER A 852 0.30 14.71 12.05
C SER A 852 0.59 16.21 12.02
N GLY A 853 1.87 16.58 11.97
CA GLY A 853 2.21 17.99 11.88
C GLY A 853 1.67 18.64 10.63
N LEU A 854 1.83 17.97 9.48
CA LEU A 854 1.31 18.55 8.24
C LEU A 854 -0.20 18.67 8.27
N VAL A 855 -0.89 17.65 8.78
CA VAL A 855 -2.34 17.70 8.83
C VAL A 855 -2.81 18.82 9.74
N CYS A 856 -2.13 19.00 10.88
CA CYS A 856 -2.53 20.07 11.79
C CYS A 856 -2.17 21.44 11.24
N LEU A 857 -1.17 21.53 10.37
CA LEU A 857 -0.92 22.80 9.71
C LEU A 857 -1.96 23.09 8.65
N GLU A 858 -2.51 22.06 8.02
CA GLU A 858 -3.62 22.30 7.09
C GLU A 858 -4.91 22.60 7.84
N LEU A 859 -5.04 22.10 9.06
CA LEU A 859 -6.26 22.30 9.82
C LEU A 859 -6.49 23.77 10.13
N VAL A 860 -5.42 24.49 10.47
CA VAL A 860 -5.59 25.92 10.77
C VAL A 860 -5.94 26.68 9.50
N LYS A 861 -5.47 26.21 8.34
CA LYS A 861 -5.93 26.79 7.09
C LYS A 861 -7.43 26.57 6.91
N LEU A 862 -7.89 25.35 7.18
CA LEU A 862 -9.31 25.06 7.02
C LEU A 862 -10.15 25.89 7.96
N VAL A 863 -9.69 26.07 9.20
CA VAL A 863 -10.46 26.83 10.18
C VAL A 863 -10.63 28.27 9.72
N ASP A 864 -9.56 28.85 9.18
CA ASP A 864 -9.63 30.23 8.71
C ASP A 864 -10.55 30.40 7.51
N GLY A 865 -10.98 29.31 6.89
CA GLY A 865 -11.89 29.41 5.76
C GLY A 865 -11.26 30.05 4.53
N LYS A 866 -10.03 29.66 4.19
CA LYS A 866 -9.40 30.19 3.00
C LYS A 866 -10.14 29.71 1.75
N LYS A 867 -10.29 30.61 0.79
CA LYS A 867 -11.09 30.37 -0.39
C LYS A 867 -10.26 30.00 -1.62
N LYS A 868 -9.08 30.62 -1.78
CA LYS A 868 -8.25 30.33 -2.94
C LYS A 868 -7.67 28.94 -2.85
N ILE A 869 -7.36 28.37 -4.01
CA ILE A 869 -6.84 27.00 -4.06
C ILE A 869 -5.32 26.94 -3.97
N GLU A 870 -4.64 28.06 -4.23
CA GLU A 870 -3.18 28.08 -4.14
C GLU A 870 -2.69 28.17 -2.71
N GLU A 871 -3.57 28.42 -1.74
CA GLU A 871 -3.15 28.53 -0.35
C GLU A 871 -3.18 27.19 0.37
N TYR A 872 -3.72 26.15 -0.24
CA TYR A 872 -3.66 24.80 0.31
C TYR A 872 -2.53 24.03 -0.38
N LYS A 873 -1.97 23.06 0.34
CA LYS A 873 -0.84 22.29 -0.16
C LYS A 873 -1.00 20.84 0.25
N ASN A 874 -1.23 19.97 -0.73
CA ASN A 874 -1.04 18.55 -0.51
C ASN A 874 0.45 18.27 -0.39
N GLY A 875 0.82 17.49 0.60
CA GLY A 875 2.22 17.27 0.94
C GLY A 875 2.63 15.82 0.69
N PHE A 876 3.86 15.65 0.24
CA PHE A 876 4.47 14.33 0.11
C PHE A 876 5.90 14.42 0.64
N PHE A 877 6.37 13.34 1.23
CA PHE A 877 7.73 13.34 1.75
C PHE A 877 8.26 11.93 1.85
N ASN A 878 9.58 11.82 1.73
CA ASN A 878 10.30 10.57 1.89
C ASN A 878 11.50 10.83 2.78
N LEU A 879 11.48 10.28 4.00
CA LEU A 879 12.52 10.55 4.96
C LEU A 879 13.79 9.76 4.71
N ALA A 880 13.76 8.79 3.80
CA ALA A 880 14.97 8.04 3.52
C ALA A 880 16.01 8.90 2.84
N ILE A 881 15.59 9.86 2.02
CA ILE A 881 16.49 10.74 1.30
C ILE A 881 16.27 12.20 1.68
N GLY A 882 15.47 12.46 2.71
CA GLY A 882 15.21 13.84 3.11
C GLY A 882 14.50 14.65 2.05
N LEU A 883 13.47 14.08 1.44
CA LEU A 883 12.73 14.73 0.37
C LEU A 883 11.40 15.24 0.90
N PHE A 884 11.10 16.51 0.64
CA PHE A 884 9.82 17.12 0.99
C PHE A 884 9.30 17.89 -0.22
N THR A 885 8.01 17.74 -0.50
CA THR A 885 7.41 18.44 -1.62
C THR A 885 5.97 18.78 -1.29
N PHE A 886 5.53 19.93 -1.78
CA PHE A 886 4.18 20.41 -1.55
C PHE A 886 3.62 20.95 -2.85
N SER A 887 2.38 20.57 -3.18
CA SER A 887 1.77 20.98 -4.44
C SER A 887 0.34 21.43 -4.20
N ASP A 888 -0.14 22.29 -5.08
CA ASP A 888 -1.52 22.75 -4.96
C ASP A 888 -2.49 21.61 -5.23
N PRO A 889 -3.62 21.58 -4.54
CA PRO A 889 -4.62 20.54 -4.83
C PRO A 889 -5.21 20.69 -6.21
N ILE A 890 -5.61 19.57 -6.78
CA ILE A 890 -6.22 19.55 -8.10
C ILE A 890 -7.65 20.06 -8.00
N ALA A 891 -7.97 21.08 -8.80
CA ALA A 891 -9.29 21.66 -8.77
C ALA A 891 -10.33 20.67 -9.30
N SER A 892 -11.53 20.74 -8.74
CA SER A 892 -12.59 19.84 -9.15
C SER A 892 -12.99 20.12 -10.60
N PRO A 893 -13.08 19.09 -11.45
CA PRO A 893 -13.40 19.35 -12.86
C PRO A 893 -14.78 19.95 -13.02
N LYS A 894 -14.91 20.84 -14.00
CA LYS A 894 -16.19 21.43 -14.37
C LYS A 894 -16.72 20.74 -15.62
N MET A 895 -17.99 21.03 -15.93
CA MET A 895 -18.61 20.45 -17.11
C MET A 895 -19.74 21.36 -17.56
N LYS A 896 -20.19 21.15 -18.79
CA LYS A 896 -21.30 21.89 -19.38
C LYS A 896 -22.51 20.98 -19.45
N VAL A 897 -23.54 21.31 -18.67
CA VAL A 897 -24.79 20.57 -18.66
C VAL A 897 -25.92 21.55 -18.94
N ASN A 898 -26.67 21.30 -20.01
CA ASN A 898 -27.77 22.17 -20.40
C ASN A 898 -27.28 23.61 -20.55
N GLY A 899 -26.08 23.75 -21.10
CA GLY A 899 -25.48 25.07 -21.26
C GLY A 899 -25.22 25.78 -19.95
N LYS A 900 -24.86 25.03 -18.91
CA LYS A 900 -24.59 25.61 -17.60
C LYS A 900 -23.35 24.96 -17.01
N GLU A 901 -22.66 25.71 -16.15
CA GLU A 901 -21.44 25.23 -15.51
C GLU A 901 -21.81 24.37 -14.32
N ILE A 902 -21.46 23.10 -14.37
CA ILE A 902 -21.78 22.13 -13.33
C ILE A 902 -20.49 21.56 -12.77
N ASP A 903 -20.36 21.58 -11.44
CA ASP A 903 -19.27 20.91 -10.78
C ASP A 903 -19.51 19.41 -10.78
N LYS A 904 -18.49 18.64 -11.15
CA LYS A 904 -18.69 17.21 -11.35
C LYS A 904 -18.91 16.49 -10.04
N ILE A 905 -18.34 16.98 -8.94
CA ILE A 905 -18.28 16.25 -7.68
C ILE A 905 -19.23 16.83 -6.65
N TRP A 906 -19.23 18.14 -6.48
CA TRP A 906 -19.90 18.76 -5.34
C TRP A 906 -21.29 19.27 -5.69
N ASP A 907 -21.83 18.92 -6.85
CA ASP A 907 -23.18 19.29 -7.23
C ASP A 907 -24.09 18.07 -7.23
N ARG A 908 -25.35 18.29 -6.88
CA ARG A 908 -26.35 17.23 -6.87
C ARG A 908 -27.70 17.81 -7.20
N TYR A 909 -28.67 16.93 -7.44
CA TYR A 909 -30.06 17.32 -7.63
C TYR A 909 -30.87 16.95 -6.40
N ASN A 910 -31.58 17.94 -5.85
CA ASN A 910 -32.45 17.72 -4.71
C ASN A 910 -33.89 17.60 -5.20
N LEU A 911 -34.50 16.46 -4.96
CA LEU A 911 -35.85 16.20 -5.40
C LEU A 911 -36.68 15.60 -4.27
N PRO A 912 -38.00 15.77 -4.30
CA PRO A 912 -38.84 15.07 -3.32
C PRO A 912 -38.95 13.59 -3.64
N ASP A 913 -39.74 12.86 -2.87
CA ASP A 913 -39.95 11.43 -3.10
C ASP A 913 -41.07 11.21 -4.12
N CYS A 914 -40.85 11.74 -5.31
CA CYS A 914 -41.83 11.65 -6.37
C CYS A 914 -41.73 10.29 -7.07
N THR A 915 -42.74 9.99 -7.89
CA THR A 915 -42.73 8.74 -8.63
C THR A 915 -41.64 8.75 -9.70
N LEU A 916 -41.27 7.55 -10.15
CA LEU A 916 -40.23 7.43 -11.16
C LEU A 916 -40.63 8.13 -12.44
N GLN A 917 -41.89 7.98 -12.84
CA GLN A 917 -42.36 8.66 -14.05
C GLN A 917 -42.23 10.18 -13.90
N GLU A 918 -42.58 10.71 -12.73
CA GLU A 918 -42.46 12.14 -12.52
C GLU A 918 -41.01 12.58 -12.54
N LEU A 919 -40.10 11.76 -12.01
CA LEU A 919 -38.69 12.09 -12.07
C LEU A 919 -38.19 12.13 -13.52
N ILE A 920 -38.60 11.16 -14.32
CA ILE A 920 -38.22 11.15 -15.72
C ILE A 920 -38.76 12.38 -16.42
N ASP A 921 -40.01 12.72 -16.15
CA ASP A 921 -40.60 13.89 -16.78
C ASP A 921 -39.89 15.17 -16.35
N TYR A 922 -39.51 15.26 -15.08
CA TYR A 922 -38.77 16.43 -14.62
C TYR A 922 -37.43 16.55 -15.34
N PHE A 923 -36.71 15.43 -15.47
CA PHE A 923 -35.43 15.49 -16.17
C PHE A 923 -35.61 15.79 -17.65
N GLN A 924 -36.75 15.38 -18.23
CA GLN A 924 -37.00 15.65 -19.63
C GLN A 924 -37.39 17.10 -19.87
N LYS A 925 -38.10 17.71 -18.92
CA LYS A 925 -38.61 19.06 -19.11
C LYS A 925 -37.66 20.12 -18.57
N GLU A 926 -37.00 19.86 -17.43
CA GLU A 926 -36.09 20.85 -16.87
C GLU A 926 -34.74 20.80 -17.56
N GLU A 927 -34.07 19.65 -17.49
CA GLU A 927 -32.74 19.54 -18.05
C GLU A 927 -32.75 19.22 -19.54
N GLY A 928 -33.90 18.87 -20.09
CA GLY A 928 -33.95 18.49 -21.50
C GLY A 928 -33.12 17.27 -21.80
N LEU A 929 -33.15 16.29 -20.92
CA LEU A 929 -32.35 15.08 -21.06
C LEU A 929 -33.25 13.86 -20.95
N GLU A 930 -32.86 12.80 -21.65
CA GLU A 930 -33.60 11.55 -21.64
C GLU A 930 -32.89 10.56 -20.73
N VAL A 931 -33.57 10.14 -19.66
CA VAL A 931 -32.98 9.24 -18.69
C VAL A 931 -32.86 7.85 -19.30
N THR A 932 -31.69 7.24 -19.14
CA THR A 932 -31.44 5.91 -19.67
C THR A 932 -31.10 4.87 -18.63
N MET A 933 -30.45 5.26 -17.53
CA MET A 933 -30.14 4.33 -16.46
C MET A 933 -30.23 5.05 -15.13
N LEU A 934 -30.86 4.40 -14.16
CA LEU A 934 -31.02 4.95 -12.82
C LEU A 934 -30.78 3.83 -11.82
N SER A 935 -29.81 4.00 -10.95
CA SER A 935 -29.42 2.98 -9.99
C SER A 935 -29.26 3.59 -8.61
N SER A 936 -29.25 2.72 -7.60
CA SER A 936 -29.08 3.14 -6.22
C SER A 936 -28.47 1.99 -5.43
N GLY A 937 -27.29 2.23 -4.85
CA GLY A 937 -26.63 1.20 -4.09
C GLY A 937 -25.91 0.20 -4.96
N VAL A 938 -26.45 -1.01 -5.07
CA VAL A 938 -25.88 -2.04 -5.93
C VAL A 938 -26.97 -2.62 -6.82
N SER A 939 -28.06 -1.86 -6.99
CA SER A 939 -29.21 -2.31 -7.73
C SER A 939 -29.46 -1.39 -8.92
N LEU A 940 -30.00 -1.97 -9.98
CA LEU A 940 -30.34 -1.22 -11.20
C LEU A 940 -31.84 -0.97 -11.18
N LEU A 941 -32.22 0.21 -10.68
CA LEU A 941 -33.64 0.49 -10.51
C LEU A 941 -34.35 0.57 -11.85
N TYR A 942 -33.76 1.28 -12.81
CA TYR A 942 -34.42 1.53 -14.08
C TYR A 942 -33.39 1.54 -15.19
N ALA A 943 -33.75 0.94 -16.33
CA ALA A 943 -32.89 0.91 -17.49
C ALA A 943 -33.75 1.03 -18.74
N ASN A 944 -33.11 1.46 -19.83
CA ASN A 944 -33.83 1.71 -21.06
C ASN A 944 -34.12 0.43 -21.83
N PHE A 945 -33.44 -0.67 -21.51
CA PHE A 945 -33.56 -1.92 -22.24
C PHE A 945 -34.42 -2.96 -21.52
N GLN A 946 -34.98 -2.63 -20.37
CA GLN A 946 -35.79 -3.61 -19.66
C GLN A 946 -37.09 -3.87 -20.40
N PRO A 947 -37.70 -5.05 -20.23
CA PRO A 947 -38.95 -5.35 -20.92
C PRO A 947 -40.03 -4.36 -20.55
N PRO A 948 -40.89 -3.97 -21.49
CA PRO A 948 -41.90 -2.95 -21.19
C PRO A 948 -42.83 -3.33 -20.05
N LYS A 949 -43.10 -4.63 -19.88
CA LYS A 949 -43.98 -5.04 -18.80
C LYS A 949 -43.40 -4.65 -17.45
N LYS A 950 -42.10 -4.90 -17.25
CA LYS A 950 -41.48 -4.58 -15.97
C LYS A 950 -41.53 -3.09 -15.70
N LEU A 951 -41.23 -2.27 -16.70
CA LEU A 951 -41.28 -0.83 -16.52
C LEU A 951 -42.69 -0.36 -16.20
N ALA A 952 -43.67 -0.84 -16.96
CA ALA A 952 -45.06 -0.46 -16.71
C ALA A 952 -45.50 -0.88 -15.32
N GLU A 953 -44.95 -1.97 -14.80
CA GLU A 953 -45.25 -2.38 -13.44
C GLU A 953 -44.54 -1.49 -12.43
N ARG A 954 -43.38 -0.95 -12.78
CA ARG A 954 -42.58 -0.17 -11.85
C ARG A 954 -42.78 1.33 -11.98
N LEU A 955 -43.30 1.82 -13.10
CA LEU A 955 -43.36 3.26 -13.31
C LEU A 955 -44.22 3.99 -12.27
N PRO A 956 -45.45 3.59 -12.00
CA PRO A 956 -46.31 4.39 -11.12
C PRO A 956 -46.00 4.27 -9.64
N LEU A 957 -44.86 3.68 -9.27
CA LEU A 957 -44.48 3.53 -7.87
C LEU A 957 -43.48 4.62 -7.49
N LYS A 958 -43.48 4.99 -6.21
CA LYS A 958 -42.52 5.95 -5.73
C LYS A 958 -41.13 5.32 -5.65
N ILE A 959 -40.13 6.19 -5.53
CA ILE A 959 -38.75 5.70 -5.52
C ILE A 959 -38.49 4.84 -4.30
N SER A 960 -38.99 5.26 -3.14
CA SER A 960 -38.77 4.48 -1.93
C SER A 960 -39.41 3.10 -2.04
N GLU A 961 -40.65 3.06 -2.52
CA GLU A 961 -41.32 1.77 -2.69
C GLU A 961 -40.61 0.91 -3.72
N LEU A 962 -40.13 1.52 -4.80
CA LEU A 962 -39.41 0.75 -5.81
C LEU A 962 -38.14 0.15 -5.23
N VAL A 963 -37.39 0.92 -4.45
CA VAL A 963 -36.18 0.39 -3.84
C VAL A 963 -36.52 -0.71 -2.86
N GLU A 964 -37.57 -0.52 -2.07
CA GLU A 964 -37.98 -1.57 -1.13
C GLU A 964 -38.31 -2.86 -1.87
N GLN A 965 -39.03 -2.75 -2.98
CA GLN A 965 -39.43 -3.93 -3.73
C GLN A 965 -38.22 -4.61 -4.38
N ILE A 966 -37.32 -3.82 -4.96
CA ILE A 966 -36.19 -4.42 -5.70
C ILE A 966 -35.19 -5.03 -4.73
N THR A 967 -34.83 -4.29 -3.68
CA THR A 967 -33.83 -4.78 -2.73
C THR A 967 -34.39 -5.80 -1.75
N LYS A 968 -35.71 -6.00 -1.74
CA LYS A 968 -36.32 -7.00 -0.88
C LYS A 968 -35.98 -6.73 0.58
N LYS A 969 -35.90 -5.46 0.95
CA LYS A 969 -35.61 -5.09 2.33
C LYS A 969 -36.22 -3.73 2.61
N LYS A 970 -36.98 -3.65 3.70
CA LYS A 970 -37.61 -2.39 4.07
C LYS A 970 -36.57 -1.35 4.45
N LEU A 971 -36.88 -0.09 4.13
CA LEU A 971 -36.00 1.00 4.50
C LEU A 971 -36.04 1.20 6.01
N GLU A 972 -34.87 1.35 6.63
CA GLU A 972 -34.82 1.48 8.06
C GLU A 972 -35.40 2.82 8.51
N PRO A 973 -35.90 2.90 9.73
CA PRO A 973 -36.47 4.18 10.21
C PRO A 973 -35.50 5.33 10.18
N PHE A 974 -34.21 5.09 10.43
CA PHE A 974 -33.25 6.19 10.48
C PHE A 974 -32.91 6.72 9.10
N ARG A 975 -33.18 5.96 8.04
CA ARG A 975 -32.90 6.43 6.69
C ARG A 975 -33.76 7.64 6.36
N LYS A 976 -33.15 8.69 5.82
CA LYS A 976 -33.86 9.90 5.48
C LYS A 976 -33.56 10.40 4.06
N HIS A 977 -32.71 9.72 3.31
CA HIS A 977 -32.41 10.14 1.95
C HIS A 977 -31.91 8.95 1.15
N LEU A 978 -31.93 9.12 -0.17
CA LEU A 978 -31.43 8.13 -1.10
C LEU A 978 -30.51 8.80 -2.10
N VAL A 979 -29.42 8.12 -2.43
CA VAL A 979 -28.45 8.60 -3.42
C VAL A 979 -28.63 7.78 -4.68
N LEU A 980 -28.99 8.44 -5.78
CA LEU A 980 -29.25 7.78 -7.05
C LEU A 980 -28.21 8.21 -8.08
N GLU A 981 -27.66 7.23 -8.79
CA GLU A 981 -26.74 7.48 -9.89
C GLU A 981 -27.53 7.37 -11.19
N ILE A 982 -27.50 8.43 -11.99
CA ILE A 982 -28.28 8.53 -13.22
C ILE A 982 -27.35 8.77 -14.39
N CYS A 983 -27.50 7.95 -15.43
CA CYS A 983 -26.82 8.16 -16.71
C CYS A 983 -27.88 8.41 -17.77
N CYS A 984 -27.78 9.55 -18.45
CA CYS A 984 -28.79 9.99 -19.40
C CYS A 984 -28.15 10.43 -20.70
N ASP A 985 -28.90 10.32 -21.78
CA ASP A 985 -28.49 10.74 -23.11
C ASP A 985 -29.24 12.00 -23.52
N ASP A 986 -28.60 12.81 -24.36
CA ASP A 986 -29.20 14.06 -24.81
C ASP A 986 -30.20 13.76 -25.93
N ALA A 987 -30.69 14.81 -26.58
CA ALA A 987 -31.69 14.65 -27.64
C ALA A 987 -31.14 13.84 -28.79
N ASN A 988 -29.87 14.05 -29.14
CA ASN A 988 -29.26 13.33 -30.24
C ASN A 988 -28.77 11.95 -29.84
N GLY A 989 -28.93 11.57 -28.57
CA GLY A 989 -28.49 10.28 -28.10
C GLY A 989 -27.08 10.27 -27.55
N GLU A 990 -26.38 11.40 -27.59
CA GLU A 990 -25.03 11.46 -27.07
C GLU A 990 -25.06 11.43 -25.54
N ASP A 991 -24.23 10.56 -24.96
CA ASP A 991 -24.21 10.42 -23.52
C ASP A 991 -23.56 11.64 -22.88
N VAL A 992 -24.20 12.18 -21.84
CA VAL A 992 -23.67 13.32 -21.10
C VAL A 992 -23.77 13.01 -19.62
N GLU A 993 -22.66 13.18 -18.90
CA GLU A 993 -22.65 12.92 -17.48
C GLU A 993 -23.44 13.98 -16.72
N VAL A 994 -24.12 13.54 -15.66
CA VAL A 994 -24.89 14.44 -14.79
C VAL A 994 -24.62 14.10 -13.35
N PRO A 995 -24.75 15.07 -12.46
CA PRO A 995 -24.52 14.80 -11.03
C PRO A 995 -25.60 13.89 -10.46
N PHE A 996 -25.27 13.25 -9.35
CA PHE A 996 -26.17 12.31 -8.72
C PHE A 996 -27.39 13.03 -8.15
N ILE A 997 -28.39 12.24 -7.76
CA ILE A 997 -29.65 12.73 -7.24
C ILE A 997 -29.74 12.40 -5.77
N CYS A 998 -30.20 13.37 -4.98
CA CYS A 998 -30.37 13.22 -3.54
C CYS A 998 -31.87 13.24 -3.25
N ILE A 999 -32.51 12.08 -3.34
CA ILE A 999 -33.94 11.98 -3.08
C ILE A 999 -34.18 12.12 -1.59
N LYS A 1000 -35.11 13.00 -1.22
CA LYS A 1000 -35.44 13.26 0.18
C LYS A 1000 -36.71 12.50 0.53
N LEU A 1001 -36.57 11.48 1.36
CA LEU A 1001 -37.71 10.66 1.76
C LEU A 1001 -38.69 11.51 2.56
N ALA B 2 -18.15 4.05 -11.17
CA ALA B 2 -18.27 2.63 -10.92
C ALA B 2 -19.43 2.07 -11.71
N LEU B 3 -20.62 2.12 -11.12
CA LEU B 3 -21.80 1.72 -11.86
C LEU B 3 -21.91 2.53 -13.14
N LYS B 4 -21.36 3.74 -13.15
CA LYS B 4 -21.25 4.51 -14.37
C LYS B 4 -20.60 3.63 -15.42
N ARG B 5 -19.32 3.35 -15.23
CA ARG B 5 -18.56 2.51 -16.16
C ARG B 5 -19.34 1.25 -16.52
N ILE B 6 -19.73 0.48 -15.50
CA ILE B 6 -20.48 -0.75 -15.67
C ILE B 6 -21.57 -0.57 -16.70
N ASN B 7 -22.44 0.41 -16.46
CA ASN B 7 -23.59 0.60 -17.33
C ASN B 7 -23.14 1.05 -18.71
N ARG B 8 -22.17 1.96 -18.78
CA ARG B 8 -21.72 2.44 -20.08
C ARG B 8 -21.31 1.27 -20.95
N GLU B 9 -20.66 0.27 -20.34
CA GLU B 9 -20.19 -0.88 -21.11
C GLU B 9 -21.34 -1.82 -21.41
N LEU B 10 -22.23 -2.01 -20.44
CA LEU B 10 -23.43 -2.81 -20.67
C LEU B 10 -24.20 -2.26 -21.85
N ALA B 11 -24.26 -0.93 -21.96
CA ALA B 11 -25.04 -0.28 -22.99
C ALA B 11 -24.34 -0.40 -24.34
N ASP B 12 -23.06 -0.03 -24.39
CA ASP B 12 -22.37 -0.11 -25.67
C ASP B 12 -22.31 -1.54 -26.17
N LEU B 13 -22.47 -2.52 -25.27
CA LEU B 13 -22.48 -3.91 -25.69
C LEU B 13 -23.62 -4.16 -26.67
N GLY B 14 -24.82 -3.69 -26.34
CA GLY B 14 -25.93 -3.83 -27.26
C GLY B 14 -25.68 -3.07 -28.54
N LYS B 15 -25.02 -1.91 -28.44
CA LYS B 15 -24.66 -1.13 -29.61
C LYS B 15 -23.46 -1.74 -30.32
N ASP B 16 -22.83 -2.75 -29.72
CA ASP B 16 -21.70 -3.47 -30.29
C ASP B 16 -22.15 -4.91 -30.46
N PRO B 17 -22.96 -5.21 -31.48
CA PRO B 17 -23.50 -6.57 -31.63
C PRO B 17 -22.45 -7.63 -31.34
N PRO B 18 -22.57 -8.34 -30.23
CA PRO B 18 -21.53 -9.31 -29.83
C PRO B 18 -21.14 -10.26 -30.95
N SER B 19 -22.14 -10.97 -31.47
CA SER B 19 -21.98 -11.99 -32.49
C SER B 19 -21.60 -13.32 -31.83
N SER B 20 -21.00 -13.25 -30.63
CA SER B 20 -20.57 -14.47 -29.95
C SER B 20 -20.63 -14.32 -28.44
N SER B 21 -21.45 -13.43 -27.91
CA SER B 21 -21.51 -13.20 -26.47
C SER B 21 -22.87 -12.62 -26.12
N SER B 22 -23.13 -12.53 -24.81
CA SER B 22 -24.42 -11.99 -24.37
C SER B 22 -24.37 -11.44 -22.96
N ALA B 23 -23.20 -11.02 -22.45
CA ALA B 23 -23.07 -10.54 -21.08
C ALA B 23 -24.37 -9.93 -20.55
N GLY B 24 -25.05 -10.67 -19.69
CA GLY B 24 -26.27 -10.22 -19.09
C GLY B 24 -26.16 -10.16 -17.58
N PRO B 25 -26.51 -9.03 -16.98
CA PRO B 25 -26.52 -8.98 -15.52
C PRO B 25 -27.47 -10.02 -14.96
N VAL B 26 -27.09 -10.61 -13.84
CA VAL B 26 -27.92 -11.64 -13.21
C VAL B 26 -28.97 -10.95 -12.36
N GLY B 27 -30.15 -10.73 -12.95
CA GLY B 27 -31.23 -10.08 -12.24
C GLY B 27 -31.04 -8.59 -12.16
N ASP B 28 -30.83 -8.07 -10.95
CA ASP B 28 -30.66 -6.64 -10.73
C ASP B 28 -29.49 -6.39 -9.79
N ASP B 29 -28.39 -7.13 -9.98
CA ASP B 29 -27.14 -6.91 -9.26
C ASP B 29 -26.05 -6.75 -10.30
N LEU B 30 -25.79 -5.51 -10.69
CA LEU B 30 -24.79 -5.25 -11.72
C LEU B 30 -23.46 -5.90 -11.38
N PHE B 31 -23.19 -6.14 -10.11
CA PHE B 31 -21.91 -6.70 -9.69
C PHE B 31 -21.80 -8.19 -9.91
N HIS B 32 -22.72 -8.79 -10.66
CA HIS B 32 -22.60 -10.23 -10.95
C HIS B 32 -23.28 -10.51 -12.28
N TRP B 33 -22.52 -10.37 -13.36
CA TRP B 33 -23.01 -10.74 -14.68
C TRP B 33 -22.82 -12.22 -14.93
N GLN B 34 -23.48 -12.69 -15.99
CA GLN B 34 -23.30 -14.05 -16.47
C GLN B 34 -23.33 -14.01 -18.00
N ALA B 35 -22.16 -13.94 -18.60
CA ALA B 35 -22.07 -13.83 -20.05
C ALA B 35 -22.08 -15.22 -20.68
N THR B 36 -21.90 -15.25 -22.00
CA THR B 36 -21.89 -16.50 -22.74
C THR B 36 -20.91 -16.36 -23.90
N ILE B 37 -20.43 -17.50 -24.36
CA ILE B 37 -19.48 -17.56 -25.46
C ILE B 37 -19.84 -18.71 -26.38
N MET B 38 -19.80 -18.44 -27.68
CA MET B 38 -20.11 -19.43 -28.70
C MET B 38 -18.81 -20.01 -29.25
N GLY B 39 -18.77 -21.34 -29.36
CA GLY B 39 -17.61 -22.04 -29.83
C GLY B 39 -17.21 -21.59 -31.23
N PRO B 40 -15.92 -21.31 -31.44
CA PRO B 40 -15.49 -20.90 -32.79
C PRO B 40 -15.74 -22.02 -33.80
N ALA B 41 -16.03 -21.61 -35.03
CA ALA B 41 -16.32 -22.57 -36.09
C ALA B 41 -15.09 -23.41 -36.40
N ASP B 42 -13.93 -22.77 -36.51
CA ASP B 42 -12.69 -23.46 -36.87
C ASP B 42 -11.94 -23.86 -35.59
N SER B 43 -12.59 -24.69 -34.79
CA SER B 43 -12.03 -25.17 -33.54
C SER B 43 -12.73 -26.47 -33.19
N PRO B 44 -12.10 -27.32 -32.37
CA PRO B 44 -12.79 -28.54 -31.95
C PRO B 44 -14.03 -28.27 -31.14
N TYR B 45 -14.13 -27.07 -30.56
CA TYR B 45 -15.25 -26.68 -29.73
C TYR B 45 -16.39 -26.05 -30.53
N ALA B 46 -16.46 -26.35 -31.83
CA ALA B 46 -17.51 -25.76 -32.66
C ALA B 46 -18.89 -26.20 -32.20
N GLY B 47 -19.85 -25.28 -32.34
CA GLY B 47 -21.22 -25.57 -31.93
C GLY B 47 -21.43 -25.75 -30.44
N GLY B 48 -20.82 -24.92 -29.62
CA GLY B 48 -20.97 -25.03 -28.18
C GLY B 48 -21.27 -23.68 -27.55
N VAL B 49 -22.02 -23.74 -26.45
CA VAL B 49 -22.40 -22.56 -25.69
C VAL B 49 -21.84 -22.69 -24.29
N PHE B 50 -21.01 -21.75 -23.88
CA PHE B 50 -20.34 -21.78 -22.59
C PHE B 50 -20.76 -20.57 -21.76
N PHE B 51 -21.17 -20.81 -20.52
CA PHE B 51 -21.62 -19.74 -19.64
C PHE B 51 -20.50 -19.35 -18.70
N LEU B 52 -20.31 -18.04 -18.51
CA LEU B 52 -19.27 -17.52 -17.66
C LEU B 52 -19.88 -16.59 -16.62
N SER B 53 -19.35 -16.62 -15.41
CA SER B 53 -19.77 -15.74 -14.34
C SER B 53 -18.72 -14.67 -14.12
N ILE B 54 -19.15 -13.41 -14.13
CA ILE B 54 -18.25 -12.27 -13.98
C ILE B 54 -18.67 -11.51 -12.74
N HIS B 55 -17.79 -11.48 -11.74
CA HIS B 55 -18.01 -10.74 -10.50
C HIS B 55 -17.10 -9.52 -10.54
N PHE B 56 -17.71 -8.34 -10.59
CA PHE B 56 -16.94 -7.11 -10.57
C PHE B 56 -16.53 -6.77 -9.14
N PRO B 57 -15.24 -6.54 -8.89
CA PRO B 57 -14.82 -6.13 -7.55
C PRO B 57 -15.34 -4.74 -7.23
N THR B 58 -15.42 -4.46 -5.93
CA THR B 58 -15.93 -3.16 -5.49
C THR B 58 -15.06 -2.01 -5.97
N ASP B 59 -13.81 -2.27 -6.35
CA ASP B 59 -12.90 -1.24 -6.82
C ASP B 59 -12.82 -1.20 -8.34
N TYR B 60 -13.77 -1.82 -9.02
CA TYR B 60 -13.73 -1.81 -10.47
C TYR B 60 -13.85 -0.37 -10.95
N PRO B 61 -13.15 0.01 -12.03
CA PRO B 61 -12.25 -0.77 -12.86
C PRO B 61 -10.82 -0.74 -12.34
N PHE B 62 -10.63 -0.37 -11.08
CA PHE B 62 -9.28 -0.32 -10.51
C PHE B 62 -8.76 -1.69 -10.14
N LYS B 63 -9.62 -2.71 -10.15
CA LYS B 63 -9.22 -4.08 -9.95
C LYS B 63 -9.82 -4.95 -11.04
N PRO B 64 -9.13 -6.01 -11.45
CA PRO B 64 -9.63 -6.82 -12.55
C PRO B 64 -10.92 -7.51 -12.16
N PRO B 65 -11.82 -7.74 -13.12
CA PRO B 65 -13.01 -8.54 -12.81
C PRO B 65 -12.66 -9.99 -12.63
N LYS B 66 -13.50 -10.69 -11.88
CA LYS B 66 -13.33 -12.12 -11.65
C LYS B 66 -14.19 -12.86 -12.67
N VAL B 67 -13.55 -13.47 -13.66
CA VAL B 67 -14.24 -14.21 -14.70
C VAL B 67 -13.96 -15.68 -14.49
N ASN B 68 -15.01 -16.48 -14.34
CA ASN B 68 -14.87 -17.91 -14.12
C ASN B 68 -15.82 -18.65 -15.04
N PHE B 69 -15.29 -19.64 -15.74
CA PHE B 69 -16.14 -20.49 -16.55
C PHE B 69 -17.09 -21.31 -15.67
N THR B 70 -18.26 -21.59 -16.23
CA THR B 70 -19.23 -22.47 -15.60
C THR B 70 -19.42 -23.77 -16.35
N THR B 71 -19.48 -23.71 -17.68
CA THR B 71 -19.56 -24.93 -18.46
C THR B 71 -18.19 -25.59 -18.49
N ARG B 72 -18.16 -26.89 -18.18
CA ARG B 72 -16.91 -27.62 -18.21
C ARG B 72 -16.34 -27.62 -19.62
N ILE B 73 -15.05 -27.33 -19.74
CA ILE B 73 -14.40 -27.27 -21.04
C ILE B 73 -13.05 -27.97 -20.94
N TYR B 74 -12.68 -28.68 -22.00
CA TYR B 74 -11.43 -29.43 -22.05
C TYR B 74 -10.41 -28.61 -22.81
N HIS B 75 -9.76 -27.69 -22.09
CA HIS B 75 -8.78 -26.77 -22.67
C HIS B 75 -7.50 -26.79 -21.86
N PRO B 76 -6.34 -26.69 -22.51
CA PRO B 76 -5.09 -26.73 -21.74
C PRO B 76 -4.94 -25.65 -20.69
N ASN B 77 -5.45 -24.44 -20.95
CA ASN B 77 -5.22 -23.31 -20.06
C ASN B 77 -6.41 -22.98 -19.17
N ILE B 78 -7.36 -23.90 -19.02
CA ILE B 78 -8.51 -23.71 -18.14
C ILE B 78 -8.65 -24.96 -17.27
N ASN B 79 -8.70 -24.78 -15.96
CA ASN B 79 -8.80 -25.91 -15.07
C ASN B 79 -10.27 -26.23 -14.79
N SER B 80 -10.50 -27.31 -14.06
CA SER B 80 -11.87 -27.77 -13.83
C SER B 80 -12.69 -26.73 -13.07
N ASN B 81 -12.05 -25.96 -12.19
CA ASN B 81 -12.78 -24.95 -11.45
C ASN B 81 -13.24 -23.80 -12.33
N GLY B 82 -12.79 -23.75 -13.58
CA GLY B 82 -13.15 -22.67 -14.47
C GLY B 82 -12.24 -21.47 -14.42
N SER B 83 -11.20 -21.49 -13.58
CA SER B 83 -10.27 -20.38 -13.56
C SER B 83 -9.60 -20.25 -14.93
N ILE B 84 -9.38 -19.01 -15.35
CA ILE B 84 -8.88 -18.70 -16.68
C ILE B 84 -7.46 -18.18 -16.56
N CYS B 85 -6.57 -18.71 -17.38
CA CYS B 85 -5.15 -18.33 -17.36
C CYS B 85 -4.95 -17.15 -18.31
N LEU B 86 -4.91 -15.93 -17.76
CA LEU B 86 -4.70 -14.75 -18.58
C LEU B 86 -4.03 -13.68 -17.74
N ASP B 87 -3.40 -12.73 -18.43
CA ASP B 87 -2.73 -11.62 -17.77
C ASP B 87 -3.56 -10.36 -17.73
N ILE B 88 -4.39 -10.13 -18.75
CA ILE B 88 -5.28 -8.98 -18.73
C ILE B 88 -6.24 -9.08 -17.56
N LEU B 89 -6.40 -10.27 -17.00
CA LEU B 89 -7.30 -10.50 -15.88
C LEU B 89 -6.56 -10.59 -14.55
N ARG B 90 -5.25 -10.80 -14.57
CA ARG B 90 -4.49 -11.13 -13.37
C ARG B 90 -3.54 -10.00 -12.96
N ASP B 91 -2.60 -9.63 -13.83
CA ASP B 91 -1.62 -8.61 -13.48
C ASP B 91 -1.55 -7.53 -14.54
N GLN B 92 -1.90 -7.88 -15.79
CA GLN B 92 -1.90 -6.92 -16.87
C GLN B 92 -3.20 -6.12 -16.94
N TRP B 93 -3.98 -6.10 -15.86
CA TRP B 93 -5.26 -5.41 -15.84
C TRP B 93 -5.00 -3.92 -15.70
N SER B 94 -4.70 -3.28 -16.82
CA SER B 94 -4.69 -1.83 -16.82
C SER B 94 -6.11 -1.30 -16.65
N PRO B 95 -6.28 -0.09 -16.08
CA PRO B 95 -7.63 0.48 -16.02
C PRO B 95 -8.02 1.08 -17.37
N ALA B 96 -7.68 0.39 -18.45
CA ALA B 96 -8.00 0.82 -19.80
C ALA B 96 -8.45 -0.40 -20.59
N LEU B 97 -9.51 -1.05 -20.12
CA LEU B 97 -9.99 -2.25 -20.78
C LEU B 97 -11.51 -2.34 -20.61
N THR B 98 -12.10 -3.26 -21.36
CA THR B 98 -13.55 -3.41 -21.40
C THR B 98 -13.91 -4.87 -21.58
N ILE B 99 -15.16 -5.19 -21.28
CA ILE B 99 -15.60 -6.58 -21.36
C ILE B 99 -15.44 -7.10 -22.77
N SER B 100 -15.67 -6.24 -23.77
CA SER B 100 -15.46 -6.63 -25.16
C SER B 100 -14.10 -7.30 -25.33
N LYS B 101 -13.05 -6.63 -24.88
CA LYS B 101 -11.70 -7.15 -25.06
C LYS B 101 -11.57 -8.52 -24.43
N VAL B 102 -11.95 -8.64 -23.16
CA VAL B 102 -11.89 -9.93 -22.48
C VAL B 102 -12.64 -10.99 -23.27
N LEU B 103 -13.75 -10.61 -23.88
CA LEU B 103 -14.65 -11.56 -24.52
C LEU B 103 -14.24 -11.87 -25.95
N LEU B 104 -13.24 -11.19 -26.46
CA LEU B 104 -12.67 -11.57 -27.73
C LEU B 104 -11.28 -12.13 -27.54
N SER B 105 -10.73 -11.98 -26.35
CA SER B 105 -9.45 -12.57 -26.02
C SER B 105 -9.63 -13.99 -25.53
N ILE B 106 -10.76 -14.26 -24.88
CA ILE B 106 -11.08 -15.63 -24.55
C ILE B 106 -11.44 -16.40 -25.81
N SER B 107 -12.14 -15.75 -26.74
CA SER B 107 -12.42 -16.41 -28.01
C SER B 107 -11.13 -16.69 -28.77
N SER B 108 -10.18 -15.76 -28.76
CA SER B 108 -8.90 -16.03 -29.41
C SER B 108 -8.16 -17.16 -28.72
N LEU B 109 -8.22 -17.21 -27.39
CA LEU B 109 -7.60 -18.31 -26.67
C LEU B 109 -8.21 -19.64 -27.07
N LEU B 110 -9.54 -19.68 -27.17
CA LEU B 110 -10.19 -20.89 -27.63
C LEU B 110 -9.75 -21.22 -29.05
N THR B 111 -9.46 -20.18 -29.84
CA THR B 111 -9.04 -20.40 -31.21
C THR B 111 -7.73 -21.17 -31.25
N ASP B 112 -6.79 -20.79 -30.40
CA ASP B 112 -5.51 -21.49 -30.33
C ASP B 112 -4.96 -21.50 -28.91
N PRO B 113 -4.85 -22.65 -28.26
CA PRO B 113 -4.33 -22.66 -26.90
C PRO B 113 -2.85 -22.32 -26.92
N ASN B 114 -2.30 -22.16 -25.72
CA ASN B 114 -0.88 -21.84 -25.55
C ASN B 114 -0.32 -22.93 -24.64
N PRO B 115 0.14 -24.04 -25.20
CA PRO B 115 0.61 -25.14 -24.36
C PRO B 115 2.00 -24.95 -23.82
N ASP B 116 2.72 -23.93 -24.27
CA ASP B 116 4.07 -23.73 -23.76
C ASP B 116 4.05 -23.25 -22.32
N ASP B 117 2.99 -22.59 -21.90
CA ASP B 117 2.81 -22.12 -20.53
C ASP B 117 1.45 -22.58 -20.02
N PRO B 118 1.29 -23.88 -19.79
CA PRO B 118 -0.04 -24.43 -19.52
C PRO B 118 -0.45 -24.27 -18.07
N LEU B 119 -1.75 -24.52 -17.83
CA LEU B 119 -2.31 -24.58 -16.49
C LEU B 119 -2.71 -25.99 -16.08
N VAL B 120 -2.96 -26.86 -17.04
CA VAL B 120 -3.24 -28.27 -16.78
C VAL B 120 -2.17 -29.09 -17.48
N PRO B 121 -1.14 -29.51 -16.75
CA PRO B 121 -0.01 -30.15 -17.43
C PRO B 121 -0.38 -31.38 -18.23
N GLU B 122 -1.31 -32.20 -17.75
CA GLU B 122 -1.63 -33.44 -18.47
C GLU B 122 -2.28 -33.14 -19.82
N ILE B 123 -3.23 -32.22 -19.84
CA ILE B 123 -3.87 -31.89 -21.11
C ILE B 123 -2.85 -31.26 -22.04
N ALA B 124 -1.95 -30.45 -21.50
CA ALA B 124 -0.90 -29.87 -22.33
C ALA B 124 -0.01 -30.94 -22.93
N HIS B 125 0.34 -31.95 -22.14
CA HIS B 125 1.17 -33.03 -22.66
C HIS B 125 0.45 -33.79 -23.75
N VAL B 126 -0.83 -34.08 -23.55
CA VAL B 126 -1.60 -34.76 -24.58
C VAL B 126 -1.65 -33.94 -25.86
N TYR B 127 -1.87 -32.63 -25.72
CA TYR B 127 -1.94 -31.76 -26.89
C TYR B 127 -0.61 -31.75 -27.63
N LYS B 128 0.49 -31.70 -26.89
CA LYS B 128 1.79 -31.61 -27.53
C LYS B 128 2.16 -32.92 -28.22
N THR B 129 1.82 -34.05 -27.60
CA THR B 129 2.23 -35.35 -28.11
C THR B 129 1.25 -35.89 -29.14
N ASP B 130 -0.01 -36.11 -28.74
CA ASP B 130 -1.01 -36.74 -29.60
C ASP B 130 -2.10 -35.71 -29.89
N ARG B 131 -1.98 -35.04 -31.04
CA ARG B 131 -2.94 -34.00 -31.36
C ARG B 131 -4.33 -34.60 -31.60
N SER B 132 -4.39 -35.76 -32.24
CA SER B 132 -5.67 -36.36 -32.58
C SER B 132 -6.46 -36.72 -31.33
N ARG B 133 -5.78 -37.27 -30.32
CA ARG B 133 -6.47 -37.60 -29.07
C ARG B 133 -6.99 -36.33 -28.40
N TYR B 134 -6.21 -35.26 -28.46
CA TYR B 134 -6.66 -33.99 -27.92
C TYR B 134 -7.90 -33.51 -28.66
N GLU B 135 -7.91 -33.62 -29.98
CA GLU B 135 -9.06 -33.22 -30.77
C GLU B 135 -10.29 -34.02 -30.38
N LEU B 136 -10.14 -35.33 -30.26
CA LEU B 136 -11.27 -36.18 -29.91
C LEU B 136 -11.80 -35.83 -28.53
N SER B 137 -10.90 -35.64 -27.56
CA SER B 137 -11.34 -35.31 -26.21
C SER B 137 -12.07 -33.97 -26.19
N ALA B 138 -11.56 -32.98 -26.91
CA ALA B 138 -12.22 -31.69 -26.94
C ALA B 138 -13.60 -31.81 -27.55
N ARG B 139 -13.72 -32.54 -28.65
CA ARG B 139 -15.02 -32.72 -29.27
C ARG B 139 -15.98 -33.44 -28.33
N GLU B 140 -15.51 -34.49 -27.67
CA GLU B 140 -16.37 -35.22 -26.75
C GLU B 140 -16.84 -34.32 -25.62
N TRP B 141 -15.93 -33.54 -25.04
CA TRP B 141 -16.31 -32.69 -23.92
C TRP B 141 -17.28 -31.60 -24.35
N THR B 142 -17.01 -30.95 -25.48
CA THR B 142 -17.89 -29.88 -25.92
C THR B 142 -19.23 -30.43 -26.41
N ARG B 143 -19.30 -31.71 -26.73
CA ARG B 143 -20.60 -32.29 -27.05
C ARG B 143 -21.34 -32.69 -25.78
N LYS B 144 -20.61 -33.15 -24.77
CA LYS B 144 -21.27 -33.60 -23.55
C LYS B 144 -21.76 -32.42 -22.73
N TYR B 145 -20.99 -31.34 -22.69
CA TYR B 145 -21.27 -30.20 -21.83
C TYR B 145 -21.73 -28.97 -22.60
N ALA B 146 -21.08 -28.64 -23.71
CA ALA B 146 -21.42 -27.41 -24.40
C ALA B 146 -22.72 -27.54 -25.18
N ILE B 147 -23.23 -28.77 -25.31
CA ILE B 147 -24.48 -29.04 -26.01
C ILE B 147 -25.45 -29.60 -24.98
N GLY B 148 -26.61 -28.96 -24.87
CA GLY B 148 -27.62 -29.41 -23.92
C GLY B 148 -27.36 -28.86 -22.54
N MET C 5 18.39 -1.71 -48.74
CA MET C 5 19.65 -2.22 -48.14
C MET C 5 19.40 -3.56 -47.47
N GLN C 6 20.44 -4.10 -46.85
CA GLN C 6 20.40 -5.40 -46.19
C GLN C 6 20.73 -5.24 -44.73
N ILE C 7 20.08 -6.03 -43.87
CA ILE C 7 20.33 -6.04 -42.44
C ILE C 7 20.29 -7.47 -41.92
N PHE C 8 20.79 -7.65 -40.71
CA PHE C 8 20.87 -8.94 -40.05
C PHE C 8 20.15 -8.84 -38.71
N VAL C 9 19.29 -9.82 -38.44
CA VAL C 9 18.53 -9.91 -37.20
C VAL C 9 18.96 -11.17 -36.48
N LYS C 10 19.49 -11.00 -35.27
CA LYS C 10 19.93 -12.13 -34.47
C LYS C 10 18.87 -12.51 -33.46
N THR C 11 18.64 -13.82 -33.33
CA THR C 11 17.62 -14.37 -32.45
C THR C 11 18.25 -14.70 -31.09
N LEU C 12 17.42 -15.21 -30.18
CA LEU C 12 17.91 -15.49 -28.84
C LEU C 12 18.85 -16.69 -28.81
N THR C 13 18.85 -17.52 -29.85
CA THR C 13 19.67 -18.71 -29.90
C THR C 13 20.87 -18.56 -30.81
N GLY C 14 21.12 -17.34 -31.29
CA GLY C 14 22.28 -17.09 -32.13
C GLY C 14 22.03 -17.20 -33.61
N LYS C 15 20.78 -17.37 -34.04
CA LYS C 15 20.47 -17.45 -35.45
C LYS C 15 20.46 -16.05 -36.06
N THR C 16 20.87 -15.96 -37.32
CA THR C 16 20.95 -14.71 -38.05
C THR C 16 20.06 -14.78 -39.28
N ILE C 17 19.10 -13.87 -39.37
CA ILE C 17 18.20 -13.77 -40.51
C ILE C 17 18.58 -12.51 -41.29
N THR C 18 18.74 -12.65 -42.60
CA THR C 18 19.08 -11.52 -43.44
C THR C 18 17.80 -10.98 -44.09
N LEU C 19 17.61 -9.67 -44.01
CA LEU C 19 16.43 -9.01 -44.55
C LEU C 19 16.85 -7.90 -45.50
N GLU C 20 16.04 -7.70 -46.54
CA GLU C 20 16.22 -6.61 -47.48
C GLU C 20 15.22 -5.52 -47.14
N VAL C 21 15.71 -4.38 -46.64
CA VAL C 21 14.88 -3.29 -46.21
C VAL C 21 15.46 -1.98 -46.74
N GLU C 22 14.71 -0.90 -46.51
CA GLU C 22 15.15 0.44 -46.83
C GLU C 22 15.11 1.30 -45.58
N SER C 23 15.98 2.32 -45.53
CA SER C 23 16.07 3.17 -44.35
C SER C 23 14.74 3.86 -44.04
N SER C 24 13.89 4.06 -45.02
CA SER C 24 12.62 4.74 -44.82
C SER C 24 11.51 3.80 -44.39
N ASP C 25 11.73 2.49 -44.45
CA ASP C 25 10.69 1.54 -44.11
C ASP C 25 10.26 1.70 -42.66
N THR C 26 8.97 1.51 -42.43
CA THR C 26 8.42 1.60 -41.08
C THR C 26 8.73 0.33 -40.28
N ILE C 27 8.69 0.48 -38.96
CA ILE C 27 8.87 -0.66 -38.07
C ILE C 27 7.80 -1.71 -38.32
N ASP C 28 6.58 -1.25 -38.59
CA ASP C 28 5.48 -2.19 -38.84
C ASP C 28 5.78 -3.09 -40.03
N ASN C 29 6.34 -2.53 -41.11
CA ASN C 29 6.66 -3.35 -42.27
C ASN C 29 7.71 -4.38 -41.93
N VAL C 30 8.69 -4.02 -41.09
CA VAL C 30 9.74 -4.97 -40.73
C VAL C 30 9.17 -6.09 -39.88
N LYS C 31 8.29 -5.73 -38.94
CA LYS C 31 7.62 -6.75 -38.16
C LYS C 31 6.79 -7.66 -39.04
N SER C 32 6.16 -7.09 -40.07
CA SER C 32 5.39 -7.92 -41.00
C SER C 32 6.29 -8.89 -41.74
N LYS C 33 7.46 -8.43 -42.18
CA LYS C 33 8.39 -9.31 -42.86
C LYS C 33 8.88 -10.42 -41.93
N ILE C 34 9.15 -10.08 -40.68
CA ILE C 34 9.63 -11.08 -39.73
C ILE C 34 8.52 -12.08 -39.43
N GLN C 35 7.27 -11.63 -39.40
CA GLN C 35 6.17 -12.56 -39.21
C GLN C 35 6.02 -13.47 -40.42
N ASP C 36 6.28 -12.92 -41.61
CA ASP C 36 6.19 -13.73 -42.82
C ASP C 36 7.29 -14.77 -42.87
N LYS C 37 8.46 -14.46 -42.32
CA LYS C 37 9.58 -15.39 -42.41
C LYS C 37 9.60 -16.40 -41.27
N GLU C 38 9.35 -15.94 -40.03
CA GLU C 38 9.43 -16.81 -38.87
C GLU C 38 8.07 -17.15 -38.26
N GLY C 39 7.03 -16.40 -38.60
CA GLY C 39 5.71 -16.67 -38.05
C GLY C 39 5.48 -16.14 -36.65
N ILE C 40 6.33 -15.25 -36.16
CA ILE C 40 6.18 -14.65 -34.83
C ILE C 40 5.24 -13.46 -34.97
N PRO C 41 4.15 -13.40 -34.22
CA PRO C 41 3.26 -12.25 -34.30
C PRO C 41 4.00 -10.96 -34.02
N PRO C 42 3.72 -9.89 -34.75
CA PRO C 42 4.36 -8.59 -34.45
C PRO C 42 4.20 -8.16 -33.01
N ASP C 43 3.05 -8.46 -32.39
CA ASP C 43 2.83 -8.03 -31.02
C ASP C 43 3.88 -8.60 -30.07
N GLN C 44 4.48 -9.73 -30.42
CA GLN C 44 5.46 -10.38 -29.55
C GLN C 44 6.89 -10.11 -29.98
N GLN C 45 7.11 -9.38 -31.05
CA GLN C 45 8.45 -9.06 -31.52
C GLN C 45 8.96 -7.81 -30.82
N ARG C 46 10.12 -7.91 -30.19
CA ARG C 46 10.81 -6.79 -29.57
C ARG C 46 12.18 -6.68 -30.23
N LEU C 47 12.32 -5.73 -31.14
CA LEU C 47 13.53 -5.50 -31.90
C LEU C 47 14.35 -4.41 -31.23
N ILE C 48 15.62 -4.70 -31.00
CA ILE C 48 16.53 -3.76 -30.35
C ILE C 48 17.73 -3.53 -31.25
N PHE C 49 18.16 -2.27 -31.32
CA PHE C 49 19.34 -1.88 -32.08
C PHE C 49 20.12 -0.85 -31.28
N ALA C 50 21.41 -1.12 -31.09
CA ALA C 50 22.31 -0.20 -30.40
C ALA C 50 21.74 0.18 -29.04
N GLY C 51 21.13 -0.78 -28.37
CA GLY C 51 20.62 -0.55 -27.03
C GLY C 51 19.32 0.23 -26.97
N LYS C 52 18.63 0.41 -28.09
CA LYS C 52 17.35 1.09 -28.12
C LYS C 52 16.31 0.20 -28.76
N GLN C 53 15.14 0.13 -28.14
CA GLN C 53 14.08 -0.75 -28.63
C GLN C 53 13.24 -0.02 -29.67
N LEU C 54 13.10 -0.65 -30.84
CA LEU C 54 12.33 -0.06 -31.92
C LEU C 54 10.86 -0.02 -31.56
N GLU C 55 10.23 1.12 -31.77
CA GLU C 55 8.82 1.32 -31.43
C GLU C 55 7.99 1.50 -32.68
N ASP C 56 6.76 0.98 -32.65
CA ASP C 56 5.85 1.12 -33.76
C ASP C 56 5.55 2.58 -34.04
N GLY C 57 5.21 2.86 -35.30
CA GLY C 57 4.86 4.20 -35.73
C GLY C 57 6.01 5.02 -36.28
N ARG C 58 7.23 4.51 -36.21
CA ARG C 58 8.41 5.20 -36.71
C ARG C 58 9.01 4.44 -37.89
N THR C 59 10.10 4.97 -38.42
CA THR C 59 10.82 4.39 -39.54
C THR C 59 12.22 3.98 -39.10
N LEU C 60 12.89 3.20 -39.94
CA LEU C 60 14.25 2.80 -39.62
C LEU C 60 15.18 3.99 -39.54
N SER C 61 14.95 4.99 -40.41
CA SER C 61 15.81 6.16 -40.42
C SER C 61 15.75 6.89 -39.08
N ASP C 62 14.61 6.80 -38.39
CA ASP C 62 14.48 7.44 -37.09
C ASP C 62 15.51 6.90 -36.10
N TYR C 63 15.92 5.64 -36.26
CA TYR C 63 16.87 5.01 -35.36
C TYR C 63 18.28 4.99 -35.95
N ASN C 64 18.52 5.73 -37.03
CA ASN C 64 19.84 5.82 -37.64
C ASN C 64 20.35 4.45 -38.06
N ILE C 65 19.45 3.63 -38.58
CA ILE C 65 19.82 2.31 -39.10
C ILE C 65 20.36 2.49 -40.51
N GLN C 66 21.56 1.97 -40.75
CA GLN C 66 22.24 2.15 -42.03
C GLN C 66 22.60 0.82 -42.66
N LYS C 67 23.49 0.85 -43.65
CA LYS C 67 23.81 -0.34 -44.41
C LYS C 67 24.34 -1.45 -43.51
N GLU C 68 23.76 -2.63 -43.66
CA GLU C 68 24.23 -3.83 -42.96
C GLU C 68 24.26 -3.61 -41.45
N SER C 69 23.16 -3.10 -40.92
CA SER C 69 23.03 -2.97 -39.48
C SER C 69 22.58 -4.30 -38.87
N THR C 70 22.85 -4.46 -37.58
CA THR C 70 22.49 -5.67 -36.84
C THR C 70 21.47 -5.33 -35.77
N LEU C 71 20.36 -6.04 -35.78
CA LEU C 71 19.31 -5.93 -34.77
C LEU C 71 19.20 -7.23 -34.00
N HIS C 72 18.54 -7.16 -32.85
CA HIS C 72 18.28 -8.35 -32.03
C HIS C 72 16.78 -8.48 -31.81
N LEU C 73 16.26 -9.69 -32.00
CA LEU C 73 14.83 -9.96 -31.89
C LEU C 73 14.56 -10.85 -30.70
N VAL C 74 13.85 -10.34 -29.72
CA VAL C 74 13.37 -11.16 -28.60
C VAL C 74 11.85 -11.25 -28.68
N LEU C 75 11.32 -12.32 -28.11
CA LEU C 75 9.91 -12.67 -28.26
C LEU C 75 9.19 -12.54 -26.93
N ARG C 76 8.08 -11.79 -26.92
CA ARG C 76 7.26 -11.68 -25.73
C ARG C 76 6.60 -13.02 -25.41
N LEU C 77 6.45 -13.27 -24.11
CA LEU C 77 5.85 -14.50 -23.62
C LEU C 77 4.42 -14.25 -23.18
N ARG C 78 3.49 -15.02 -23.71
CA ARG C 78 2.11 -14.91 -23.31
C ARG C 78 1.93 -15.39 -21.87
N GLY C 79 0.85 -14.94 -21.25
CA GLY C 79 0.56 -15.32 -19.88
C GLY C 79 0.05 -16.75 -19.79
MG MG D . -3.16 -1.69 10.64
MG MG E . -4.91 -3.94 15.31
PG ATP F . -1.04 -2.92 12.68
O1G ATP F . -1.27 -4.38 12.78
O2G ATP F . 0.38 -2.49 13.08
O3G ATP F . -1.39 -2.32 11.32
PB ATP F . -3.48 -1.73 13.85
O1B ATP F . -4.05 -2.17 15.13
O2B ATP F . -4.19 -2.20 12.59
O3B ATP F . -1.98 -2.14 13.69
PA ATP F . -2.90 0.91 12.68
O1A ATP F . -1.71 1.65 13.12
O2A ATP F . -2.73 0.14 11.37
O3A ATP F . -3.38 -0.14 13.74
O5' ATP F . -4.16 1.86 12.54
C5' ATP F . -5.40 1.40 11.97
C4' ATP F . -6.52 1.85 12.86
O4' ATP F . -7.65 2.12 12.00
C3' ATP F . -6.96 0.72 13.80
O3' ATP F . -7.33 1.34 15.02
C2' ATP F . -8.27 0.24 13.17
O2' ATP F . -9.14 -0.04 14.25
C1' ATP F . -8.80 1.53 12.58
N9 ATP F . -9.73 1.29 11.49
C8 ATP F . -9.46 0.75 10.25
N7 ATP F . -10.51 0.64 9.48
C5 ATP F . -11.55 1.12 10.25
C6 ATP F . -12.92 1.29 10.01
N6 ATP F . -13.52 0.94 8.86
N1 ATP F . -13.68 1.81 10.99
C2 ATP F . -13.10 2.14 12.15
N3 ATP F . -11.81 2.04 12.49
C4 ATP F . -11.08 1.53 11.50
N01 A1AIV G . 0.14 -17.26 -18.59
C02 A1AIV G . -0.38 -18.60 -18.35
C03 A1AIV G . -1.21 -18.33 -17.09
C04 A1AIV G . -1.66 -16.88 -17.02
C05 A1AIV G . -2.72 -16.67 -15.96
N06 A1AIV G . -3.52 -16.49 -15.17
#